data_5UQT
#
_entry.id   5UQT
#
_cell.length_a   82.090
_cell.length_b   154.810
_cell.length_c   271.360
_cell.angle_alpha   90.00
_cell.angle_beta   90.00
_cell.angle_gamma   90.00
#
_symmetry.space_group_name_H-M   'C 2 2 21'
#
loop_
_entity.id
_entity.type
_entity.pdbx_description
1 polymer 'Toxin B'
2 non-polymer 'MANGANESE (II) ION'
3 non-polymer 5,7-dihydroxy-2-(4-hydroxyphenyl)-4H-chromen-4-one
#
_entity_poly.entity_id   1
_entity_poly.type   'polypeptide(L)'
_entity_poly.pdbx_seq_one_letter_code
;MGSSHHHHHHSSGLVPRGSHMSLVNRKQLEKMANVRFRTQEDEYVAILDALEEYHNMSENTVVEKYLKLKDINSLTDIYI
DTYKKSGRNKALKKFKEYLVTEVLELKNNNLTPVEKNLHFVWIGGQINDTAINYINQWKDVNSDYNVNVFYDSNAFLINT
LKKTVVESAINDTLESFRENLNDPRFDYNKFFRKRMEIIYDKQKNFINYYKAQREENPELIIDDIVKTYLSNEYSKEIDE
LNTYIEESLNKITQNSGNDVRNFEEFKNGESFNLYEQELVERWNLAAASDILRISALKEIGGMYLDVDMLPGIQPDLFES
IEKPSSVTVDFWEMTKLEAIMKYKEYIPEYTSEHFDMLDEEVQSSFESVLASKSDKSEIFSSLGDMEASPLEVKIAFNSK
GIINQGLISVKDSYCSNLIVKQIENRYKILNNSLNPAISEDNDFNTTTNTFIDSIMAEANADNGRFMMELGKYLRVGFFP
DVKTTINLSGPEAYAAAYQDLLMFKEGSMNIHLIEADLRNFEISKTNISQSTEQEMASLWSFDDARAKAQFEEYKRNYFE
GSL
;
_entity_poly.pdbx_strand_id   A,B
#
# COMPACT_ATOMS: atom_id res chain seq x y z
N SER A 22 -27.15 16.25 27.77
CA SER A 22 -26.06 17.17 28.06
C SER A 22 -24.74 16.43 28.19
N LEU A 23 -23.63 17.15 28.02
CA LEU A 23 -22.33 16.56 28.19
C LEU A 23 -21.94 16.52 29.66
N VAL A 24 -21.17 15.50 30.04
CA VAL A 24 -20.79 15.37 31.43
C VAL A 24 -20.06 16.61 31.91
N ASN A 25 -20.29 16.98 33.17
CA ASN A 25 -19.62 18.13 33.77
C ASN A 25 -18.31 17.74 34.46
N ARG A 26 -17.59 18.74 34.96
CA ARG A 26 -16.27 18.49 35.56
C ARG A 26 -16.34 17.51 36.71
N LYS A 27 -17.26 17.74 37.65
CA LYS A 27 -17.38 16.83 38.79
C LYS A 27 -17.69 15.41 38.32
N GLN A 28 -18.60 15.28 37.34
CA GLN A 28 -19.03 13.96 36.89
C GLN A 28 -17.88 13.17 36.28
N LEU A 29 -17.01 13.85 35.52
CA LEU A 29 -15.83 13.20 34.98
C LEU A 29 -14.81 12.89 36.08
N GLU A 30 -14.65 13.81 37.04
CA GLU A 30 -13.74 13.50 38.15
C GLU A 30 -14.17 12.21 38.84
N LYS A 31 -15.49 11.99 38.98
CA LYS A 31 -15.98 10.73 39.55
C LYS A 31 -15.73 9.57 38.60
N MET A 32 -15.98 9.75 37.30
CA MET A 32 -15.72 8.66 36.36
C MET A 32 -14.23 8.31 36.36
N ALA A 33 -13.37 9.31 36.22
CA ALA A 33 -11.93 9.12 36.05
C ALA A 33 -11.18 9.12 37.38
N ASN A 34 -11.82 8.72 38.46
CA ASN A 34 -11.17 8.68 39.75
C ASN A 34 -10.43 7.37 39.95
N VAL A 35 -9.25 7.48 40.52
CA VAL A 35 -8.42 6.34 40.90
C VAL A 35 -7.87 6.63 42.29
N ARG A 36 -8.11 5.70 43.22
CA ARG A 36 -7.80 5.95 44.62
C ARG A 36 -6.30 6.14 44.83
N PHE A 37 -5.95 7.11 45.68
CA PHE A 37 -4.58 7.36 46.10
C PHE A 37 -3.71 7.88 44.97
N ARG A 38 -4.33 8.53 43.99
CA ARG A 38 -3.62 9.06 42.82
C ARG A 38 -3.88 10.56 42.77
N THR A 39 -2.79 11.33 42.75
CA THR A 39 -2.89 12.78 42.63
C THR A 39 -3.25 13.16 41.20
N GLN A 40 -3.88 14.33 41.06
CA GLN A 40 -4.33 14.80 39.76
C GLN A 40 -3.15 15.42 39.00
N GLU A 41 -2.83 14.85 37.83
CA GLU A 41 -1.70 15.33 37.06
C GLU A 41 -2.03 16.65 36.38
N ASP A 42 -1.00 17.26 35.80
CA ASP A 42 -1.21 18.56 35.16
C ASP A 42 -2.11 18.39 33.94
N GLU A 43 -1.86 17.35 33.14
CA GLU A 43 -2.72 17.06 31.99
C GLU A 43 -4.17 16.87 32.41
N TYR A 44 -4.39 16.08 33.47
CA TYR A 44 -5.75 15.81 33.92
C TYR A 44 -6.45 17.11 34.29
N VAL A 45 -5.79 17.95 35.11
CA VAL A 45 -6.38 19.24 35.44
C VAL A 45 -6.64 20.03 34.17
N ALA A 46 -5.75 19.92 33.18
CA ALA A 46 -5.98 20.60 31.91
C ALA A 46 -7.32 20.17 31.29
N ILE A 47 -7.59 18.86 31.28
CA ILE A 47 -8.86 18.35 30.77
C ILE A 47 -10.03 18.92 31.57
N LEU A 48 -9.94 18.88 32.90
CA LEU A 48 -11.08 19.28 33.72
C LEU A 48 -11.35 20.77 33.61
N ASP A 49 -10.29 21.59 33.58
CA ASP A 49 -10.44 23.01 33.33
C ASP A 49 -11.11 23.25 31.98
N ALA A 50 -10.65 22.55 30.94
CA ALA A 50 -11.23 22.75 29.61
C ALA A 50 -12.72 22.42 29.61
N LEU A 51 -13.10 21.31 30.26
CA LEU A 51 -14.52 20.96 30.32
C LEU A 51 -15.31 22.05 31.06
N GLU A 52 -14.76 22.53 32.18
CA GLU A 52 -15.40 23.62 32.89
C GLU A 52 -15.60 24.83 31.99
N GLU A 53 -14.58 25.17 31.19
CA GLU A 53 -14.71 26.32 30.31
C GLU A 53 -15.75 26.06 29.24
N TYR A 54 -15.86 24.81 28.77
CA TYR A 54 -16.84 24.52 27.73
C TYR A 54 -18.24 24.77 28.24
N HIS A 55 -18.54 24.28 29.45
CA HIS A 55 -19.89 24.50 29.97
C HIS A 55 -20.18 25.96 30.28
N ASN A 56 -19.23 26.87 30.06
CA ASN A 56 -19.44 28.29 30.26
C ASN A 56 -19.47 29.05 28.94
N MET A 57 -19.87 28.39 27.86
CA MET A 57 -19.91 29.01 26.55
C MET A 57 -21.29 28.91 25.93
N SER A 58 -22.33 28.88 26.76
CA SER A 58 -23.68 28.78 26.20
C SER A 58 -23.95 29.94 25.24
N GLU A 59 -23.20 31.03 25.34
CA GLU A 59 -23.42 32.20 24.49
C GLU A 59 -22.32 32.36 23.44
N ASN A 60 -21.59 31.29 23.11
CA ASN A 60 -20.70 31.28 21.98
C ASN A 60 -21.34 30.61 20.76
N THR A 61 -20.76 30.88 19.59
CA THR A 61 -21.24 30.31 18.34
C THR A 61 -21.00 28.81 18.32
N VAL A 62 -21.81 28.09 17.54
CA VAL A 62 -21.65 26.65 17.44
C VAL A 62 -20.21 26.28 17.15
N VAL A 63 -19.61 26.92 16.13
CA VAL A 63 -18.25 26.57 15.76
C VAL A 63 -17.32 26.71 16.96
N GLU A 64 -17.48 27.77 17.75
CA GLU A 64 -16.57 27.96 18.86
C GLU A 64 -16.69 26.81 19.86
N LYS A 65 -17.92 26.40 20.16
CA LYS A 65 -18.15 25.25 21.02
C LYS A 65 -17.51 23.99 20.44
N TYR A 66 -17.65 23.78 19.13
CA TYR A 66 -16.98 22.64 18.54
C TYR A 66 -15.49 22.69 18.82
N LEU A 67 -14.86 23.82 18.52
CA LEU A 67 -13.42 23.95 18.72
C LEU A 67 -13.02 23.68 20.16
N LYS A 68 -13.86 24.10 21.12
CA LYS A 68 -13.53 23.77 22.52
C LYS A 68 -13.68 22.28 22.78
N LEU A 69 -14.67 21.63 22.15
CA LEU A 69 -14.78 20.18 22.30
C LEU A 69 -13.59 19.48 21.69
N LYS A 70 -13.04 20.04 20.60
CA LYS A 70 -11.84 19.47 19.98
C LYS A 70 -10.61 19.69 20.85
N ASP A 71 -10.47 20.88 21.45
CA ASP A 71 -9.35 21.11 22.35
C ASP A 71 -9.42 20.15 23.52
N ILE A 72 -10.64 19.90 24.02
CA ILE A 72 -10.84 18.92 25.08
C ILE A 72 -10.38 17.53 24.64
N ASN A 73 -10.89 17.06 23.50
CA ASN A 73 -10.50 15.74 23.01
C ASN A 73 -9.00 15.64 22.81
N SER A 74 -8.37 16.70 22.29
CA SER A 74 -6.93 16.65 22.08
C SER A 74 -6.19 16.56 23.41
N LEU A 75 -6.63 17.31 24.42
CA LEU A 75 -6.02 17.21 25.74
C LEU A 75 -6.19 15.81 26.31
N THR A 76 -7.37 15.21 26.13
CA THR A 76 -7.60 13.86 26.63
C THR A 76 -6.68 12.87 25.94
N ASP A 77 -6.51 13.01 24.63
CA ASP A 77 -5.59 12.12 23.92
C ASP A 77 -4.16 12.28 24.44
N ILE A 78 -3.71 13.51 24.64
CA ILE A 78 -2.33 13.72 25.09
C ILE A 78 -2.13 13.10 26.48
N TYR A 79 -3.15 13.18 27.35
CA TYR A 79 -3.03 12.50 28.64
C TYR A 79 -2.93 10.98 28.45
N ILE A 80 -3.79 10.41 27.59
CA ILE A 80 -3.77 8.97 27.41
C ILE A 80 -2.42 8.53 26.86
N ASP A 81 -1.83 9.32 25.95
CA ASP A 81 -0.53 8.97 25.38
C ASP A 81 0.59 9.16 26.41
N THR A 82 0.42 10.13 27.31
CA THR A 82 1.49 10.45 28.26
C THR A 82 1.63 9.36 29.32
N TYR A 83 0.52 8.94 29.92
CA TYR A 83 0.51 7.94 31.00
C TYR A 83 -0.17 6.69 30.44
N LYS A 84 0.60 5.89 29.70
CA LYS A 84 -0.02 4.90 28.83
C LYS A 84 -0.79 3.85 29.61
N LYS A 85 -0.20 3.32 30.70
CA LYS A 85 -0.85 2.30 31.51
C LYS A 85 -1.57 2.87 32.74
N SER A 86 -2.08 4.10 32.66
CA SER A 86 -2.79 4.70 33.79
C SER A 86 -4.18 4.11 33.97
N GLY A 87 -4.68 4.23 35.19
CA GLY A 87 -6.00 3.74 35.57
C GLY A 87 -7.14 4.64 35.20
N ARG A 88 -6.86 5.84 34.72
CA ARG A 88 -7.88 6.77 34.25
C ARG A 88 -8.21 6.61 32.77
N ASN A 89 -7.44 5.80 32.04
CA ASN A 89 -7.63 5.75 30.60
C ASN A 89 -9.00 5.19 30.22
N LYS A 90 -9.55 4.25 30.99
CA LYS A 90 -10.86 3.70 30.67
C LYS A 90 -11.95 4.77 30.74
N ALA A 91 -12.05 5.44 31.88
CA ALA A 91 -13.05 6.50 32.00
C ALA A 91 -12.83 7.58 30.96
N LEU A 92 -11.57 7.93 30.69
CA LEU A 92 -11.30 8.98 29.73
C LEU A 92 -11.71 8.58 28.33
N LYS A 93 -11.56 7.30 27.99
CA LYS A 93 -12.00 6.82 26.67
C LYS A 93 -13.51 6.90 26.56
N LYS A 94 -14.22 6.48 27.59
CA LYS A 94 -15.66 6.67 27.56
C LYS A 94 -15.98 8.15 27.41
N PHE A 95 -15.16 9.01 28.00
CA PHE A 95 -15.34 10.45 27.88
C PHE A 95 -15.15 10.91 26.44
N LYS A 96 -14.23 10.30 25.71
CA LYS A 96 -14.11 10.58 24.29
C LYS A 96 -15.43 10.28 23.57
N GLU A 97 -15.97 9.07 23.77
CA GLU A 97 -17.26 8.75 23.18
C GLU A 97 -18.29 9.84 23.52
N TYR A 98 -18.33 10.23 24.78
CA TYR A 98 -19.25 11.27 25.22
C TYR A 98 -19.08 12.54 24.39
N LEU A 99 -17.81 12.89 24.09
CA LEU A 99 -17.55 14.08 23.30
C LEU A 99 -18.16 13.97 21.91
N VAL A 100 -17.97 12.81 21.26
CA VAL A 100 -18.56 12.63 19.94
C VAL A 100 -20.08 12.82 20.00
N THR A 101 -20.73 12.15 20.97
CA THR A 101 -22.18 12.33 21.11
C THR A 101 -22.55 13.80 21.29
N GLU A 102 -21.77 14.53 22.09
CA GLU A 102 -22.11 15.93 22.32
C GLU A 102 -22.01 16.72 21.03
N VAL A 103 -21.06 16.36 20.17
CA VAL A 103 -20.94 17.03 18.88
C VAL A 103 -22.17 16.75 18.03
N LEU A 104 -22.65 15.51 18.03
CA LEU A 104 -23.87 15.23 17.29
C LEU A 104 -25.03 16.08 17.82
N GLU A 105 -25.14 16.22 19.15
CA GLU A 105 -26.19 17.07 19.69
C GLU A 105 -26.01 18.53 19.27
N LEU A 106 -24.76 19.02 19.24
CA LEU A 106 -24.50 20.38 18.80
C LEU A 106 -24.98 20.59 17.36
N LYS A 107 -24.67 19.62 16.50
CA LYS A 107 -25.08 19.72 15.10
C LYS A 107 -26.59 19.70 14.98
N ASN A 108 -27.27 18.92 15.83
CA ASN A 108 -28.70 18.71 15.67
C ASN A 108 -29.56 19.81 16.28
N ASN A 109 -29.10 20.45 17.34
CA ASN A 109 -29.96 21.36 18.09
C ASN A 109 -29.67 22.83 17.82
N ASN A 110 -28.81 23.14 16.86
CA ASN A 110 -28.44 24.52 16.57
C ASN A 110 -28.40 24.69 15.06
N LEU A 111 -29.56 24.98 14.48
CA LEU A 111 -29.72 25.16 13.05
C LEU A 111 -29.74 26.63 12.64
N THR A 112 -29.46 26.87 11.36
CA THR A 112 -29.38 28.18 10.72
C THR A 112 -30.04 28.12 9.36
N PRO A 113 -30.55 29.26 8.86
CA PRO A 113 -31.11 29.27 7.51
C PRO A 113 -30.07 28.88 6.46
N VAL A 114 -30.53 28.15 5.44
CA VAL A 114 -29.69 27.83 4.29
C VAL A 114 -29.98 28.85 3.20
N GLU A 115 -28.95 29.53 2.74
CA GLU A 115 -29.10 30.51 1.67
C GLU A 115 -29.81 29.89 0.47
N LYS A 116 -30.75 30.64 -0.10
CA LYS A 116 -31.67 30.11 -1.11
C LYS A 116 -31.02 30.21 -2.49
N ASN A 117 -30.00 29.39 -2.66
CA ASN A 117 -29.28 29.27 -3.91
C ASN A 117 -29.31 27.81 -4.36
N LEU A 118 -29.46 27.59 -5.66
CA LEU A 118 -29.31 26.27 -6.24
C LEU A 118 -28.13 26.35 -7.18
N HIS A 119 -27.17 25.44 -7.01
CA HIS A 119 -25.93 25.43 -7.79
C HIS A 119 -25.87 24.18 -8.67
N PHE A 120 -25.72 24.40 -9.98
CA PHE A 120 -25.43 23.38 -10.96
C PHE A 120 -24.09 23.72 -11.60
N VAL A 121 -23.50 22.75 -12.28
CA VAL A 121 -22.26 22.97 -12.99
C VAL A 121 -22.38 22.32 -14.36
N TRP A 122 -22.06 23.05 -15.40
CA TRP A 122 -21.84 22.43 -16.70
C TRP A 122 -20.68 23.13 -17.38
N ILE A 123 -19.55 22.44 -17.47
CA ILE A 123 -18.32 23.05 -17.90
C ILE A 123 -17.77 22.26 -19.08
N GLY A 124 -16.96 22.93 -19.89
CA GLY A 124 -16.19 22.25 -20.91
C GLY A 124 -16.91 21.96 -22.21
N GLY A 125 -18.13 22.45 -22.40
CA GLY A 125 -18.85 22.16 -23.63
C GLY A 125 -20.28 22.64 -23.54
N GLN A 126 -21.08 22.27 -24.55
CA GLN A 126 -22.44 22.77 -24.66
C GLN A 126 -23.43 21.97 -23.85
N ILE A 127 -24.30 22.68 -23.13
CA ILE A 127 -25.31 22.04 -22.30
C ILE A 127 -26.46 21.55 -23.18
N ASN A 128 -26.91 20.33 -22.93
CA ASN A 128 -27.94 19.72 -23.75
C ASN A 128 -29.34 20.04 -23.22
N ASP A 129 -30.33 19.77 -24.06
CA ASP A 129 -31.71 20.15 -23.74
C ASP A 129 -32.25 19.42 -22.51
N THR A 130 -31.90 18.14 -22.31
CA THR A 130 -32.52 17.45 -21.19
C THR A 130 -32.01 17.99 -19.84
N ALA A 131 -30.74 18.41 -19.76
CA ALA A 131 -30.29 19.04 -18.52
C ALA A 131 -31.13 20.29 -18.23
N ILE A 132 -31.30 21.16 -19.23
CA ILE A 132 -32.05 22.38 -19.00
C ILE A 132 -33.50 22.06 -18.63
N ASN A 133 -34.05 20.95 -19.16
CA ASN A 133 -35.40 20.56 -18.75
C ASN A 133 -35.46 20.21 -17.24
N TYR A 134 -34.51 19.40 -16.76
CA TYR A 134 -34.49 19.05 -15.32
C TYR A 134 -34.33 20.29 -14.44
N ILE A 135 -33.34 21.14 -14.78
CA ILE A 135 -33.14 22.41 -14.06
C ILE A 135 -34.45 23.21 -14.03
N ASN A 136 -35.12 23.29 -15.16
CA ASN A 136 -36.37 24.04 -15.22
C ASN A 136 -37.40 23.49 -14.24
N GLN A 137 -37.43 22.17 -14.02
CA GLN A 137 -38.29 21.63 -12.97
C GLN A 137 -37.97 22.26 -11.60
N TRP A 138 -36.68 22.21 -11.23
CA TRP A 138 -36.26 22.88 -10.00
C TRP A 138 -36.69 24.36 -9.96
N LYS A 139 -36.48 25.08 -11.06
CA LYS A 139 -36.84 26.48 -11.14
C LYS A 139 -38.33 26.68 -10.89
N ASP A 140 -39.16 25.89 -11.56
CA ASP A 140 -40.61 26.06 -11.52
C ASP A 140 -41.16 25.90 -10.11
N VAL A 141 -40.63 24.97 -9.33
CA VAL A 141 -41.17 24.80 -7.98
C VAL A 141 -40.31 25.48 -6.91
N ASN A 142 -39.33 26.25 -7.35
CA ASN A 142 -38.47 27.01 -6.46
C ASN A 142 -38.30 28.42 -7.01
N SER A 143 -39.35 29.23 -6.99
CA SER A 143 -39.24 30.58 -7.52
C SER A 143 -38.48 31.50 -6.57
N ASP A 144 -38.48 31.19 -5.28
CA ASP A 144 -37.78 32.00 -4.28
C ASP A 144 -36.28 31.73 -4.22
N TYR A 145 -35.77 30.72 -4.92
CA TYR A 145 -34.34 30.39 -4.92
C TYR A 145 -33.67 30.98 -6.12
N ASN A 146 -32.51 31.63 -5.91
CA ASN A 146 -31.61 32.03 -6.98
C ASN A 146 -30.91 30.81 -7.55
N VAL A 147 -30.79 30.77 -8.88
CA VAL A 147 -30.26 29.58 -9.56
C VAL A 147 -28.96 29.94 -10.26
N ASN A 148 -27.92 29.14 -10.03
CA ASN A 148 -26.64 29.31 -10.72
C ASN A 148 -26.31 28.06 -11.53
N VAL A 149 -26.06 28.24 -12.83
CA VAL A 149 -25.49 27.13 -13.57
C VAL A 149 -24.06 27.53 -13.89
N PHE A 150 -23.12 27.13 -13.04
CA PHE A 150 -21.75 27.56 -13.26
C PHE A 150 -21.22 26.97 -14.57
N TYR A 151 -20.52 27.80 -15.31
CA TYR A 151 -19.85 27.37 -16.53
C TYR A 151 -18.51 28.08 -16.57
N ASP A 152 -17.62 27.64 -17.46
CA ASP A 152 -16.32 28.28 -17.62
C ASP A 152 -16.27 28.90 -19.02
N SER A 153 -16.40 30.22 -19.07
CA SER A 153 -16.48 30.92 -20.36
C SER A 153 -15.20 30.84 -21.17
N ASN A 154 -14.08 30.45 -20.55
CA ASN A 154 -12.83 30.34 -21.28
C ASN A 154 -12.59 28.96 -21.88
N ALA A 155 -13.48 27.98 -21.62
CA ALA A 155 -13.10 26.61 -21.88
C ALA A 155 -14.24 25.78 -22.45
N PHE A 156 -15.00 26.35 -23.37
CA PHE A 156 -16.08 25.57 -23.98
C PHE A 156 -15.58 24.43 -24.85
N LEU A 157 -14.29 24.38 -25.18
CA LEU A 157 -13.78 23.42 -26.15
C LEU A 157 -13.06 22.22 -25.53
N ILE A 158 -12.99 22.13 -24.20
CA ILE A 158 -12.19 21.06 -23.61
C ILE A 158 -12.73 19.70 -24.01
N ASN A 159 -14.04 19.51 -23.85
CA ASN A 159 -14.63 18.23 -24.21
C ASN A 159 -14.40 17.91 -25.69
N THR A 160 -14.51 18.91 -26.56
CA THR A 160 -14.22 18.71 -27.98
C THR A 160 -12.79 18.24 -28.18
N LEU A 161 -11.84 18.86 -27.48
CA LEU A 161 -10.46 18.46 -27.57
C LEU A 161 -10.29 17.00 -27.13
N LYS A 162 -10.92 16.62 -26.01
CA LYS A 162 -10.80 15.26 -25.52
C LYS A 162 -11.36 14.27 -26.53
N LYS A 163 -12.57 14.53 -27.03
CA LYS A 163 -13.19 13.65 -28.00
C LYS A 163 -12.31 13.46 -29.23
N THR A 164 -11.73 14.54 -29.76
CA THR A 164 -10.99 14.37 -31.00
C THR A 164 -9.65 13.69 -30.75
N VAL A 165 -8.98 14.01 -29.64
CA VAL A 165 -7.74 13.31 -29.32
C VAL A 165 -7.99 11.82 -29.11
N VAL A 166 -9.09 11.47 -28.43
CA VAL A 166 -9.40 10.07 -28.22
C VAL A 166 -9.73 9.39 -29.53
N GLU A 167 -10.47 10.06 -30.40
CA GLU A 167 -10.83 9.42 -31.65
C GLU A 167 -9.58 9.17 -32.49
N SER A 168 -8.66 10.14 -32.51
CA SER A 168 -7.41 9.98 -33.24
C SER A 168 -6.59 8.83 -32.67
N ALA A 169 -6.59 8.67 -31.35
CA ALA A 169 -5.87 7.54 -30.75
C ALA A 169 -6.49 6.20 -31.16
N ILE A 170 -7.83 6.11 -31.16
CA ILE A 170 -8.48 4.87 -31.58
C ILE A 170 -8.09 4.52 -33.02
N ASN A 171 -8.10 5.51 -33.91
CA ASN A 171 -7.71 5.21 -35.29
C ASN A 171 -6.26 4.73 -35.34
N ASP A 172 -5.35 5.47 -34.71
CA ASP A 172 -3.95 5.04 -34.71
C ASP A 172 -3.78 3.60 -34.21
N THR A 173 -4.44 3.24 -33.10
CA THR A 173 -4.32 1.88 -32.59
C THR A 173 -4.91 0.86 -33.57
N LEU A 174 -6.11 1.13 -34.07
CA LEU A 174 -6.75 0.18 -34.97
C LEU A 174 -5.92 -0.05 -36.23
N GLU A 175 -5.35 1.01 -36.82
CA GLU A 175 -4.39 0.81 -37.89
C GLU A 175 -3.22 -0.04 -37.40
N SER A 176 -2.77 0.22 -36.17
CA SER A 176 -1.65 -0.53 -35.59
C SER A 176 -1.89 -2.03 -35.60
N PHE A 177 -3.13 -2.46 -35.34
CA PHE A 177 -3.45 -3.88 -35.48
C PHE A 177 -3.32 -4.31 -36.94
N ARG A 178 -4.02 -3.63 -37.83
CA ARG A 178 -3.90 -3.83 -39.28
C ARG A 178 -4.31 -5.27 -39.59
N GLU A 179 -3.45 -6.09 -40.20
CA GLU A 179 -3.89 -7.37 -40.75
C GLU A 179 -4.17 -8.39 -39.65
N ASN A 180 -3.28 -8.50 -38.67
CA ASN A 180 -3.41 -9.53 -37.64
C ASN A 180 -4.53 -8.95 -36.76
N LEU A 181 -5.77 -9.32 -37.10
CA LEU A 181 -6.95 -9.14 -36.25
C LEU A 181 -7.32 -10.42 -35.52
N ASN A 182 -7.13 -11.57 -36.18
CA ASN A 182 -7.42 -12.86 -35.55
C ASN A 182 -6.29 -13.35 -34.66
N ASP A 183 -5.14 -12.67 -34.66
CA ASP A 183 -4.06 -12.94 -33.72
C ASP A 183 -4.62 -12.77 -32.31
N PRO A 184 -4.73 -13.85 -31.53
CA PRO A 184 -5.36 -13.72 -30.20
C PRO A 184 -4.62 -12.81 -29.23
N ARG A 185 -3.32 -12.58 -29.39
CA ARG A 185 -2.61 -11.71 -28.46
C ARG A 185 -2.80 -10.22 -28.79
N PHE A 186 -3.52 -9.91 -29.86
CA PHE A 186 -3.99 -8.54 -30.12
C PHE A 186 -5.45 -8.43 -29.70
N ASP A 187 -5.66 -8.52 -28.39
CA ASP A 187 -6.97 -8.47 -27.74
C ASP A 187 -7.27 -7.06 -27.25
N TYR A 188 -8.40 -6.92 -26.53
CA TYR A 188 -8.79 -5.60 -26.07
C TYR A 188 -7.79 -5.03 -25.07
N ASN A 189 -7.18 -5.87 -24.23
CA ASN A 189 -6.18 -5.36 -23.30
C ASN A 189 -5.06 -4.64 -24.04
N LYS A 190 -4.46 -5.29 -25.03
CA LYS A 190 -3.40 -4.63 -25.78
C LYS A 190 -3.94 -3.38 -26.45
N PHE A 191 -5.18 -3.45 -26.97
CA PHE A 191 -5.78 -2.29 -27.62
C PHE A 191 -5.82 -1.10 -26.69
N PHE A 192 -6.25 -1.31 -25.44
CA PHE A 192 -6.36 -0.18 -24.53
C PHE A 192 -5.01 0.25 -23.98
N ARG A 193 -4.02 -0.66 -23.89
CA ARG A 193 -2.71 -0.22 -23.42
C ARG A 193 -2.02 0.64 -24.47
N LYS A 194 -2.08 0.22 -25.75
CA LYS A 194 -1.52 1.08 -26.78
C LYS A 194 -2.30 2.38 -26.91
N ARG A 195 -3.63 2.28 -26.91
CA ARG A 195 -4.42 3.50 -27.02
C ARG A 195 -4.08 4.46 -25.91
N MET A 196 -3.87 3.95 -24.69
CA MET A 196 -3.45 4.82 -23.59
C MET A 196 -2.09 5.46 -23.86
N GLU A 197 -1.15 4.70 -24.42
CA GLU A 197 0.15 5.28 -24.75
C GLU A 197 0.00 6.48 -25.68
N ILE A 198 -0.68 6.28 -26.82
CA ILE A 198 -0.73 7.39 -27.76
C ILE A 198 -1.55 8.55 -27.21
N ILE A 199 -2.63 8.25 -26.46
CA ILE A 199 -3.41 9.31 -25.81
C ILE A 199 -2.51 10.14 -24.90
N TYR A 200 -1.66 9.47 -24.13
CA TYR A 200 -0.79 10.22 -23.23
C TYR A 200 0.18 11.10 -24.03
N ASP A 201 0.72 10.59 -25.14
CA ASP A 201 1.63 11.43 -25.92
C ASP A 201 0.90 12.67 -26.41
N LYS A 202 -0.28 12.48 -27.01
CA LYS A 202 -1.04 13.61 -27.51
C LYS A 202 -1.35 14.60 -26.38
N GLN A 203 -1.66 14.07 -25.20
CA GLN A 203 -2.03 14.94 -24.10
C GLN A 203 -0.85 15.78 -23.62
N LYS A 204 0.34 15.18 -23.51
CA LYS A 204 1.48 15.97 -23.06
C LYS A 204 1.97 16.91 -24.16
N ASN A 205 1.85 16.50 -25.41
CA ASN A 205 2.07 17.42 -26.52
C ASN A 205 1.20 18.66 -26.35
N PHE A 206 -0.10 18.45 -26.10
CA PHE A 206 -1.00 19.59 -25.91
C PHE A 206 -0.61 20.42 -24.68
N ILE A 207 -0.31 19.77 -23.56
CA ILE A 207 0.04 20.53 -22.35
C ILE A 207 1.28 21.39 -22.61
N ASN A 208 2.25 20.84 -23.33
CA ASN A 208 3.44 21.61 -23.64
C ASN A 208 3.09 22.83 -24.50
N TYR A 209 2.32 22.61 -25.57
CA TYR A 209 1.92 23.75 -26.40
C TYR A 209 1.18 24.79 -25.57
N TYR A 210 0.36 24.33 -24.64
CA TYR A 210 -0.43 25.25 -23.84
C TYR A 210 0.45 26.09 -22.93
N LYS A 211 1.42 25.47 -22.25
CA LYS A 211 2.30 26.24 -21.38
C LYS A 211 3.18 27.18 -22.19
N ALA A 212 3.62 26.74 -23.38
CA ALA A 212 4.37 27.62 -24.26
C ALA A 212 3.56 28.86 -24.62
N GLN A 213 2.28 28.68 -24.95
CA GLN A 213 1.45 29.81 -25.34
C GLN A 213 1.21 30.74 -24.15
N ARG A 214 0.90 30.19 -22.99
CA ARG A 214 0.66 31.07 -21.86
C ARG A 214 1.93 31.84 -21.49
N GLU A 215 3.13 31.29 -21.78
CA GLU A 215 4.32 32.09 -21.57
C GLU A 215 4.47 33.16 -22.65
N GLU A 216 4.26 32.80 -23.92
CA GLU A 216 4.45 33.74 -25.01
C GLU A 216 3.42 34.87 -24.98
N ASN A 217 2.13 34.53 -24.88
CA ASN A 217 1.06 35.54 -24.88
C ASN A 217 0.10 35.24 -23.73
N PRO A 218 0.36 35.78 -22.54
CA PRO A 218 -0.53 35.54 -21.40
C PRO A 218 -1.92 36.11 -21.56
N GLU A 219 -2.17 36.95 -22.58
CA GLU A 219 -3.53 37.42 -22.81
C GLU A 219 -4.47 36.28 -23.17
N LEU A 220 -3.96 35.25 -23.84
CA LEU A 220 -4.79 34.18 -24.40
C LEU A 220 -5.53 33.38 -23.31
N ILE A 221 -6.74 32.96 -23.65
CA ILE A 221 -7.53 32.13 -22.79
C ILE A 221 -7.50 30.70 -23.32
N ILE A 222 -7.98 29.76 -22.50
CA ILE A 222 -7.95 28.35 -22.84
C ILE A 222 -8.51 28.08 -24.25
N ASP A 223 -9.63 28.71 -24.60
CA ASP A 223 -10.27 28.34 -25.86
C ASP A 223 -9.49 28.85 -27.08
N ASP A 224 -8.75 29.95 -26.96
CA ASP A 224 -7.89 30.38 -28.06
C ASP A 224 -6.85 29.32 -28.36
N ILE A 225 -6.15 28.89 -27.30
CA ILE A 225 -5.10 27.91 -27.42
C ILE A 225 -5.65 26.58 -27.93
N VAL A 226 -6.83 26.19 -27.43
CA VAL A 226 -7.37 24.90 -27.87
C VAL A 226 -7.82 24.99 -29.32
N LYS A 227 -8.42 26.12 -29.70
CA LYS A 227 -8.91 26.23 -31.08
C LYS A 227 -7.76 26.22 -32.07
N THR A 228 -6.69 27.02 -31.84
CA THR A 228 -5.59 26.96 -32.80
C THR A 228 -4.89 25.59 -32.74
N TYR A 229 -4.83 24.95 -31.57
CA TYR A 229 -4.28 23.60 -31.52
C TYR A 229 -5.10 22.63 -32.38
N LEU A 230 -6.43 22.68 -32.25
CA LEU A 230 -7.26 21.81 -33.05
C LEU A 230 -7.08 22.08 -34.53
N SER A 231 -6.94 23.36 -34.89
CA SER A 231 -6.72 23.69 -36.30
C SER A 231 -5.40 23.11 -36.80
N ASN A 232 -4.32 23.34 -36.05
CA ASN A 232 -3.01 22.90 -36.51
C ASN A 232 -2.92 21.38 -36.57
N GLU A 233 -3.33 20.70 -35.49
CA GLU A 233 -3.03 19.29 -35.33
C GLU A 233 -4.13 18.35 -35.80
N TYR A 234 -5.36 18.84 -35.97
CA TYR A 234 -6.42 17.93 -36.40
C TYR A 234 -7.30 18.54 -37.48
N SER A 235 -6.84 19.60 -38.14
CA SER A 235 -7.52 20.18 -39.31
C SER A 235 -8.97 20.56 -39.00
N LYS A 236 -9.23 20.98 -37.78
CA LYS A 236 -10.56 21.49 -37.50
C LYS A 236 -10.64 22.93 -38.00
N GLU A 237 -11.87 23.40 -38.21
CA GLU A 237 -12.12 24.70 -38.81
C GLU A 237 -12.35 25.73 -37.71
N ILE A 238 -11.50 26.75 -37.65
CA ILE A 238 -11.64 27.73 -36.58
C ILE A 238 -13.03 28.36 -36.61
N ASP A 239 -13.59 28.59 -37.80
CA ASP A 239 -14.92 29.20 -37.85
C ASP A 239 -15.96 28.31 -37.19
N GLU A 240 -15.91 27.01 -37.46
CA GLU A 240 -16.91 26.12 -36.84
C GLU A 240 -16.75 26.11 -35.33
N LEU A 241 -15.50 26.14 -34.85
CA LEU A 241 -15.27 26.14 -33.41
C LEU A 241 -15.73 27.46 -32.77
N ASN A 242 -15.52 28.59 -33.46
CA ASN A 242 -16.08 29.84 -32.98
C ASN A 242 -17.60 29.79 -32.92
N THR A 243 -18.24 29.19 -33.93
CA THR A 243 -19.69 29.04 -33.85
C THR A 243 -20.07 28.18 -32.65
N TYR A 244 -19.36 27.08 -32.44
CA TYR A 244 -19.70 26.21 -31.32
C TYR A 244 -19.60 26.95 -30.01
N ILE A 245 -18.51 27.71 -29.82
CA ILE A 245 -18.36 28.52 -28.61
C ILE A 245 -19.52 29.51 -28.47
N GLU A 246 -19.82 30.21 -29.56
CA GLU A 246 -20.88 31.21 -29.53
C GLU A 246 -22.20 30.60 -29.08
N GLU A 247 -22.55 29.45 -29.66
CA GLU A 247 -23.85 28.88 -29.33
C GLU A 247 -23.87 28.35 -27.91
N SER A 248 -22.76 27.74 -27.46
CA SER A 248 -22.71 27.24 -26.09
C SER A 248 -22.85 28.37 -25.08
N LEU A 249 -22.03 29.42 -25.25
CA LEU A 249 -22.15 30.61 -24.42
C LEU A 249 -23.57 31.18 -24.45
N ASN A 250 -24.17 31.27 -25.63
CA ASN A 250 -25.53 31.79 -25.71
C ASN A 250 -26.49 30.94 -24.88
N LYS A 251 -26.42 29.61 -25.07
CA LYS A 251 -27.41 28.72 -24.44
C LYS A 251 -27.29 28.75 -22.93
N ILE A 252 -26.05 28.68 -22.42
CA ILE A 252 -25.92 28.67 -20.97
C ILE A 252 -26.23 30.04 -20.37
N THR A 253 -25.83 31.13 -21.04
CA THR A 253 -26.16 32.44 -20.50
C THR A 253 -27.68 32.69 -20.49
N GLN A 254 -28.39 32.15 -21.48
CA GLN A 254 -29.85 32.22 -21.43
C GLN A 254 -30.42 31.33 -20.33
N ASN A 255 -29.67 30.32 -19.87
CA ASN A 255 -30.18 29.51 -18.74
C ASN A 255 -29.40 29.65 -17.44
N SER A 256 -29.33 30.84 -16.88
CA SER A 256 -28.76 31.09 -15.56
C SER A 256 -27.27 30.85 -15.50
N GLY A 257 -26.57 31.01 -16.61
CA GLY A 257 -25.13 30.84 -16.57
C GLY A 257 -24.49 31.75 -15.53
N ASN A 258 -23.57 31.19 -14.77
CA ASN A 258 -22.75 31.93 -13.82
C ASN A 258 -21.32 31.55 -14.14
N ASP A 259 -20.56 32.51 -14.68
CA ASP A 259 -19.20 32.24 -15.15
C ASP A 259 -18.26 32.02 -13.97
N VAL A 260 -17.48 30.94 -14.02
CA VAL A 260 -16.55 30.68 -12.94
C VAL A 260 -15.40 31.66 -12.99
N ARG A 261 -15.11 32.24 -14.16
CA ARG A 261 -14.03 33.21 -14.25
C ARG A 261 -14.32 34.53 -13.52
N ASN A 262 -15.55 34.76 -13.06
CA ASN A 262 -15.84 35.87 -12.16
C ASN A 262 -15.91 35.45 -10.70
N PHE A 263 -15.61 34.17 -10.40
CA PHE A 263 -15.74 33.64 -9.06
C PHE A 263 -14.43 33.93 -8.34
N GLU A 264 -14.31 35.16 -7.85
CA GLU A 264 -12.99 35.62 -7.46
C GLU A 264 -12.45 34.82 -6.26
N GLU A 265 -13.30 34.57 -5.27
CA GLU A 265 -12.84 33.81 -4.11
C GLU A 265 -12.28 32.47 -4.54
N PHE A 266 -12.89 31.86 -5.56
CA PHE A 266 -12.40 30.58 -6.07
C PHE A 266 -11.11 30.76 -6.89
N LYS A 267 -11.07 31.77 -7.74
CA LYS A 267 -9.91 31.96 -8.58
C LYS A 267 -8.66 32.21 -7.75
N ASN A 268 -8.84 32.86 -6.60
CA ASN A 268 -7.71 33.25 -5.77
C ASN A 268 -7.42 32.26 -4.65
N GLY A 269 -8.26 31.24 -4.45
CA GLY A 269 -8.02 30.22 -3.45
C GLY A 269 -7.06 29.15 -3.92
N GLU A 270 -6.74 28.24 -3.02
CA GLU A 270 -5.76 27.21 -3.33
C GLU A 270 -6.36 25.98 -3.96
N SER A 271 -7.60 26.05 -4.47
CA SER A 271 -8.12 24.95 -5.27
C SER A 271 -8.20 25.28 -6.75
N PHE A 272 -8.02 26.54 -7.15
CA PHE A 272 -8.18 26.91 -8.55
C PHE A 272 -7.17 26.18 -9.43
N ASN A 273 -5.91 26.11 -9.01
CA ASN A 273 -4.94 25.41 -9.84
C ASN A 273 -5.30 23.93 -9.98
N LEU A 274 -5.97 23.35 -8.97
CA LEU A 274 -6.42 21.97 -9.10
C LEU A 274 -7.52 21.87 -10.15
N TYR A 275 -8.53 22.75 -10.04
CA TYR A 275 -9.54 22.85 -11.08
C TYR A 275 -8.93 22.94 -12.47
N GLU A 276 -7.95 23.81 -12.66
CA GLU A 276 -7.39 23.94 -14.00
C GLU A 276 -6.56 22.72 -14.39
N GLN A 277 -5.99 22.01 -13.41
CA GLN A 277 -5.29 20.76 -13.71
C GLN A 277 -6.25 19.73 -14.30
N GLU A 278 -7.42 19.55 -13.67
CA GLU A 278 -8.40 18.64 -14.23
C GLU A 278 -8.93 19.16 -15.57
N LEU A 279 -9.06 20.48 -15.69
CA LEU A 279 -9.71 21.04 -16.86
C LEU A 279 -8.83 20.97 -18.10
N VAL A 280 -7.59 21.47 -18.01
CA VAL A 280 -6.76 21.64 -19.19
C VAL A 280 -5.65 20.60 -19.30
N GLU A 281 -5.17 20.05 -18.18
CA GLU A 281 -4.14 19.03 -18.31
C GLU A 281 -4.75 17.64 -18.51
N ARG A 282 -5.73 17.25 -17.68
CA ARG A 282 -6.30 15.91 -17.75
C ARG A 282 -7.58 15.82 -18.56
N TRP A 283 -8.23 16.95 -18.86
CA TRP A 283 -9.49 16.95 -19.60
C TRP A 283 -10.58 16.18 -18.87
N ASN A 284 -10.57 16.23 -17.54
CA ASN A 284 -11.57 15.54 -16.73
C ASN A 284 -12.61 16.54 -16.19
N LEU A 285 -13.67 16.76 -16.98
CA LEU A 285 -14.71 17.71 -16.55
C LEU A 285 -15.41 17.27 -15.27
N ALA A 286 -15.51 15.96 -15.03
CA ALA A 286 -16.11 15.47 -13.79
C ALA A 286 -15.26 15.84 -12.58
N ALA A 287 -13.94 15.59 -12.66
CA ALA A 287 -13.08 15.95 -11.55
C ALA A 287 -13.16 17.45 -11.27
N ALA A 288 -13.08 18.28 -12.32
CA ALA A 288 -13.16 19.72 -12.15
C ALA A 288 -14.50 20.13 -11.55
N SER A 289 -15.59 19.49 -11.96
CA SER A 289 -16.86 19.84 -11.35
C SER A 289 -16.87 19.46 -9.87
N ASP A 290 -16.27 18.33 -9.52
CA ASP A 290 -16.03 17.98 -8.13
C ASP A 290 -15.32 19.11 -7.39
N ILE A 291 -14.18 19.58 -7.92
CA ILE A 291 -13.43 20.65 -7.24
C ILE A 291 -14.33 21.86 -7.01
N LEU A 292 -15.07 22.25 -8.05
CA LEU A 292 -15.79 23.52 -8.05
C LEU A 292 -17.03 23.50 -7.17
N ARG A 293 -17.81 22.40 -7.18
CA ARG A 293 -19.10 22.45 -6.51
C ARG A 293 -18.95 22.70 -5.02
N ILE A 294 -17.93 22.09 -4.41
CA ILE A 294 -17.81 22.26 -2.96
C ILE A 294 -17.26 23.64 -2.60
N SER A 295 -16.41 24.24 -3.44
CA SER A 295 -16.00 25.62 -3.21
C SER A 295 -17.18 26.55 -3.36
N ALA A 296 -17.97 26.37 -4.41
CA ALA A 296 -19.17 27.16 -4.58
C ALA A 296 -20.02 27.09 -3.33
N LEU A 297 -20.27 25.87 -2.85
CA LEU A 297 -21.07 25.68 -1.67
C LEU A 297 -20.46 26.40 -0.47
N LYS A 298 -19.14 26.30 -0.30
CA LYS A 298 -18.51 26.89 0.87
C LYS A 298 -18.60 28.41 0.84
N GLU A 299 -18.47 29.00 -0.35
CA GLU A 299 -18.42 30.45 -0.46
C GLU A 299 -19.80 31.09 -0.49
N ILE A 300 -20.81 30.40 -0.99
CA ILE A 300 -22.09 31.04 -1.25
C ILE A 300 -23.19 30.41 -0.41
N GLY A 301 -23.05 29.15 -0.07
CA GLY A 301 -24.11 28.43 0.61
C GLY A 301 -25.25 28.08 -0.33
N GLY A 302 -26.07 27.13 0.13
CA GLY A 302 -27.22 26.71 -0.63
C GLY A 302 -27.26 25.21 -0.84
N MET A 303 -27.74 24.78 -2.01
CA MET A 303 -27.86 23.36 -2.32
C MET A 303 -27.23 23.12 -3.68
N TYR A 304 -26.28 22.19 -3.77
CA TYR A 304 -25.75 21.77 -5.05
C TYR A 304 -26.50 20.54 -5.56
N LEU A 305 -26.72 20.50 -6.87
CA LEU A 305 -27.39 19.36 -7.50
C LEU A 305 -26.65 19.01 -8.78
N ASP A 306 -26.56 17.71 -9.08
CA ASP A 306 -26.26 17.27 -10.44
C ASP A 306 -27.47 17.52 -11.36
N VAL A 307 -27.18 17.74 -12.65
CA VAL A 307 -28.25 18.10 -13.58
C VAL A 307 -29.12 16.93 -13.94
N ASP A 308 -28.88 15.75 -13.37
CA ASP A 308 -29.79 14.65 -13.60
C ASP A 308 -30.65 14.36 -12.38
N MET A 309 -30.69 15.29 -11.43
CA MET A 309 -31.56 15.17 -10.27
C MET A 309 -32.84 15.99 -10.46
N LEU A 310 -33.94 15.49 -9.90
CA LEU A 310 -35.20 16.20 -9.98
C LEU A 310 -35.75 16.52 -8.59
N PRO A 311 -36.68 17.48 -8.50
CA PRO A 311 -37.29 17.79 -7.21
C PRO A 311 -37.99 16.59 -6.60
N GLY A 312 -38.12 16.59 -5.27
CA GLY A 312 -38.85 15.53 -4.60
C GLY A 312 -40.34 15.58 -4.94
N ILE A 313 -40.94 14.38 -5.08
CA ILE A 313 -42.39 14.30 -5.28
C ILE A 313 -43.11 14.62 -3.99
N GLN A 314 -44.24 15.33 -4.11
CA GLN A 314 -45.08 15.61 -2.95
C GLN A 314 -45.39 14.30 -2.24
N PRO A 315 -45.10 14.16 -0.95
CA PRO A 315 -45.21 12.85 -0.30
C PRO A 315 -46.58 12.20 -0.46
N ASP A 316 -47.64 12.95 -0.21
CA ASP A 316 -48.97 12.36 -0.26
C ASP A 316 -49.46 12.14 -1.68
N LEU A 317 -48.75 12.64 -2.69
CA LEU A 317 -49.28 12.58 -4.04
C LEU A 317 -49.72 11.17 -4.42
N PHE A 318 -48.98 10.15 -4.01
CA PHE A 318 -49.29 8.78 -4.40
C PHE A 318 -49.59 7.89 -3.20
N GLU A 319 -50.00 8.49 -2.07
CA GLU A 319 -50.23 7.71 -0.86
C GLU A 319 -51.31 6.66 -1.06
N SER A 320 -52.29 6.92 -1.94
CA SER A 320 -53.39 5.99 -2.21
C SER A 320 -53.00 4.78 -3.06
N ILE A 321 -51.76 4.67 -3.53
CA ILE A 321 -51.36 3.57 -4.42
C ILE A 321 -50.27 2.75 -3.72
N GLU A 322 -50.62 1.54 -3.28
CA GLU A 322 -49.63 0.73 -2.58
C GLU A 322 -48.63 0.15 -3.58
N LYS A 323 -47.36 0.16 -3.19
CA LYS A 323 -46.35 -0.43 -4.05
C LYS A 323 -46.47 -1.96 -3.99
N PRO A 324 -46.60 -2.64 -5.13
CA PRO A 324 -46.66 -4.09 -5.11
C PRO A 324 -45.40 -4.69 -4.51
N SER A 325 -45.54 -5.92 -4.00
CA SER A 325 -44.34 -6.54 -3.47
C SER A 325 -43.45 -7.01 -4.59
N SER A 326 -43.98 -7.07 -5.80
CA SER A 326 -43.27 -7.62 -6.96
C SER A 326 -42.29 -6.63 -7.57
N VAL A 327 -42.23 -5.39 -7.08
CA VAL A 327 -41.31 -4.42 -7.62
C VAL A 327 -40.43 -3.90 -6.48
N THR A 328 -39.16 -3.66 -6.80
CA THR A 328 -38.24 -3.05 -5.86
C THR A 328 -38.55 -1.57 -5.65
N VAL A 329 -38.12 -1.08 -4.49
CA VAL A 329 -38.19 0.32 -4.10
C VAL A 329 -37.75 1.23 -5.26
N ASP A 330 -36.56 0.97 -5.82
CA ASP A 330 -36.08 1.80 -6.93
C ASP A 330 -37.04 1.73 -8.12
N PHE A 331 -37.49 0.51 -8.47
CA PHE A 331 -38.45 0.38 -9.56
C PHE A 331 -39.65 1.29 -9.30
N TRP A 332 -40.14 1.31 -8.08
CA TRP A 332 -41.35 2.07 -7.82
C TRP A 332 -41.06 3.57 -7.95
N GLU A 333 -39.91 4.03 -7.46
CA GLU A 333 -39.56 5.44 -7.62
C GLU A 333 -39.54 5.84 -9.09
N MET A 334 -38.79 5.09 -9.90
CA MET A 334 -38.80 5.37 -11.33
C MET A 334 -40.22 5.38 -11.86
N THR A 335 -41.06 4.49 -11.36
CA THR A 335 -42.43 4.43 -11.87
C THR A 335 -43.18 5.72 -11.59
N LYS A 336 -43.12 6.20 -10.35
CA LYS A 336 -43.78 7.46 -10.02
C LYS A 336 -43.39 8.56 -10.99
N LEU A 337 -42.08 8.76 -11.19
CA LEU A 337 -41.66 9.83 -12.10
C LEU A 337 -42.18 9.60 -13.51
N GLU A 338 -42.11 8.37 -14.00
CA GLU A 338 -42.52 8.12 -15.38
C GLU A 338 -44.01 8.34 -15.55
N ALA A 339 -44.81 8.06 -14.51
CA ALA A 339 -46.22 8.41 -14.55
C ALA A 339 -46.40 9.93 -14.64
N ILE A 340 -45.75 10.67 -13.75
CA ILE A 340 -45.88 12.13 -13.78
C ILE A 340 -45.54 12.67 -15.17
N MET A 341 -44.42 12.21 -15.75
CA MET A 341 -44.04 12.73 -17.05
C MET A 341 -44.98 12.25 -18.15
N LYS A 342 -45.57 11.07 -17.98
CA LYS A 342 -46.45 10.54 -19.02
C LYS A 342 -47.75 11.33 -19.10
N TYR A 343 -48.38 11.62 -17.96
CA TYR A 343 -49.67 12.28 -18.00
C TYR A 343 -49.59 13.80 -17.91
N LYS A 344 -48.44 14.35 -17.48
CA LYS A 344 -48.26 15.80 -17.44
C LYS A 344 -47.30 16.30 -18.50
N GLU A 345 -46.41 15.47 -19.00
CA GLU A 345 -45.56 15.81 -20.14
C GLU A 345 -44.65 17.01 -19.85
N TYR A 346 -44.31 17.22 -18.57
CA TYR A 346 -43.42 18.32 -18.22
C TYR A 346 -42.08 18.22 -18.97
N ILE A 347 -41.62 17.00 -19.24
CA ILE A 347 -40.38 16.72 -19.94
C ILE A 347 -40.77 15.83 -21.11
N PRO A 348 -40.58 16.25 -22.35
CA PRO A 348 -40.98 15.39 -23.47
C PRO A 348 -40.05 14.21 -23.64
N GLU A 349 -40.61 13.08 -24.08
CA GLU A 349 -39.77 11.97 -24.42
C GLU A 349 -39.20 11.24 -23.21
N TYR A 350 -39.67 11.57 -22.01
CA TYR A 350 -39.28 10.82 -20.83
C TYR A 350 -39.72 9.36 -20.98
N THR A 351 -38.98 8.47 -20.35
CA THR A 351 -39.20 7.05 -20.57
C THR A 351 -40.45 6.56 -19.83
N SER A 352 -41.05 5.51 -20.38
CA SER A 352 -42.11 4.81 -19.65
C SER A 352 -41.82 3.32 -19.52
N GLU A 353 -40.55 2.92 -19.64
CA GLU A 353 -40.19 1.51 -19.59
C GLU A 353 -40.81 0.81 -18.39
N HIS A 354 -40.73 1.44 -17.23
CA HIS A 354 -41.18 0.82 -15.99
C HIS A 354 -42.67 0.95 -15.79
N PHE A 355 -43.21 2.13 -16.07
CA PHE A 355 -44.63 2.34 -15.84
C PHE A 355 -45.44 1.36 -16.67
N ASP A 356 -44.99 1.08 -17.89
CA ASP A 356 -45.71 0.18 -18.78
C ASP A 356 -45.74 -1.27 -18.28
N MET A 357 -44.78 -1.68 -17.44
CA MET A 357 -44.75 -3.05 -16.90
C MET A 357 -45.73 -3.27 -15.76
N LEU A 358 -46.36 -2.20 -15.29
CA LEU A 358 -47.36 -2.30 -14.24
C LEU A 358 -48.65 -2.91 -14.78
N ASP A 359 -49.37 -3.62 -13.91
CA ASP A 359 -50.70 -4.10 -14.28
C ASP A 359 -51.62 -2.91 -14.60
N GLU A 360 -52.65 -3.18 -15.41
CA GLU A 360 -53.52 -2.13 -15.92
C GLU A 360 -54.17 -1.34 -14.80
N GLU A 361 -54.54 -2.00 -13.70
CA GLU A 361 -55.22 -1.34 -12.61
C GLU A 361 -54.32 -0.30 -11.96
N VAL A 362 -53.07 -0.67 -11.67
CA VAL A 362 -52.14 0.29 -11.08
C VAL A 362 -51.91 1.46 -12.03
N GLN A 363 -51.79 1.14 -13.33
CA GLN A 363 -51.64 2.18 -14.33
C GLN A 363 -52.75 3.21 -14.21
N SER A 364 -54.01 2.73 -14.14
CA SER A 364 -55.15 3.64 -14.02
C SER A 364 -55.17 4.39 -12.70
N SER A 365 -54.74 3.75 -11.61
CA SER A 365 -54.61 4.49 -10.35
C SER A 365 -53.70 5.71 -10.52
N PHE A 366 -52.58 5.54 -11.22
CA PHE A 366 -51.72 6.68 -11.50
C PHE A 366 -52.43 7.72 -12.35
N GLU A 367 -53.01 7.29 -13.47
CA GLU A 367 -53.67 8.25 -14.36
C GLU A 367 -54.71 9.08 -13.63
N SER A 368 -55.53 8.44 -12.77
CA SER A 368 -56.59 9.18 -12.09
C SER A 368 -56.03 10.07 -11.00
N VAL A 369 -55.05 9.60 -10.22
CA VAL A 369 -54.48 10.53 -9.25
C VAL A 369 -53.94 11.77 -9.95
N LEU A 370 -53.34 11.58 -11.11
CA LEU A 370 -52.68 12.72 -11.73
C LEU A 370 -53.65 13.65 -12.46
N ALA A 371 -54.73 13.10 -13.04
CA ALA A 371 -55.78 13.97 -13.58
C ALA A 371 -56.45 14.78 -12.48
N SER A 372 -56.41 14.26 -11.25
CA SER A 372 -56.92 14.96 -10.08
C SER A 372 -56.19 16.26 -9.83
N LYS A 373 -54.92 16.36 -10.21
CA LYS A 373 -54.08 17.47 -9.84
C LYS A 373 -53.95 18.47 -10.99
N SER A 374 -53.84 19.74 -10.63
CA SER A 374 -53.97 20.84 -11.56
C SER A 374 -52.66 21.57 -11.82
N ASP A 375 -51.91 21.92 -10.77
CA ASP A 375 -50.66 22.65 -10.91
C ASP A 375 -49.46 21.79 -10.50
N LYS A 376 -48.37 21.94 -11.24
CA LYS A 376 -47.09 21.31 -10.92
C LYS A 376 -46.72 21.35 -9.44
N SER A 377 -47.15 22.37 -8.70
CA SER A 377 -46.85 22.38 -7.28
C SER A 377 -47.62 21.33 -6.50
N GLU A 378 -48.60 20.65 -7.11
CA GLU A 378 -49.23 19.51 -6.45
C GLU A 378 -48.49 18.21 -6.75
N ILE A 379 -47.55 18.25 -7.70
CA ILE A 379 -46.75 17.07 -8.07
C ILE A 379 -45.34 17.08 -7.45
N PHE A 380 -44.62 18.20 -7.61
CA PHE A 380 -43.30 18.37 -7.03
C PHE A 380 -43.37 19.30 -5.82
N SER A 381 -42.69 18.92 -4.75
CA SER A 381 -42.61 19.75 -3.56
C SER A 381 -41.57 20.84 -3.76
N SER A 382 -41.60 21.83 -2.86
CA SER A 382 -40.64 22.94 -2.91
C SER A 382 -39.66 22.86 -1.75
N LEU A 383 -38.42 23.28 -2.00
CA LEU A 383 -37.41 23.24 -0.95
C LEU A 383 -37.82 24.08 0.24
N GLY A 384 -38.34 25.28 0.00
CA GLY A 384 -38.84 26.12 1.08
C GLY A 384 -37.76 26.81 1.88
N ASP A 385 -37.95 26.87 3.20
CA ASP A 385 -36.99 27.43 4.15
C ASP A 385 -36.22 26.28 4.78
N MET A 386 -35.02 26.02 4.29
CA MET A 386 -34.21 24.94 4.84
C MET A 386 -33.26 25.49 5.90
N GLU A 387 -32.92 24.63 6.86
CA GLU A 387 -31.95 25.01 7.87
C GLU A 387 -31.02 23.83 8.13
N ALA A 388 -29.78 24.15 8.49
CA ALA A 388 -28.80 23.10 8.76
C ALA A 388 -27.83 23.59 9.83
N SER A 389 -26.96 22.68 10.32
CA SER A 389 -25.96 23.09 11.29
C SER A 389 -24.81 23.83 10.61
N PRO A 390 -24.28 24.88 11.26
CA PRO A 390 -23.07 25.53 10.74
C PRO A 390 -21.84 24.62 10.75
N LEU A 391 -21.93 23.43 11.34
CA LEU A 391 -20.84 22.48 11.32
C LEU A 391 -20.83 21.61 10.08
N GLU A 392 -21.97 21.42 9.45
CA GLU A 392 -22.16 20.28 8.57
C GLU A 392 -22.35 20.70 7.13
N VAL A 393 -22.09 19.76 6.23
CA VAL A 393 -22.70 19.75 4.92
C VAL A 393 -23.43 18.42 4.75
N LYS A 394 -24.58 18.46 4.09
CA LYS A 394 -25.45 17.31 3.94
C LYS A 394 -25.32 16.74 2.53
N ILE A 395 -25.35 15.41 2.43
CA ILE A 395 -25.00 14.76 1.18
C ILE A 395 -26.08 13.73 0.86
N ALA A 396 -26.19 13.37 -0.42
CA ALA A 396 -27.24 12.42 -0.74
C ALA A 396 -26.73 10.99 -0.56
N PHE A 397 -27.65 10.04 -0.55
CA PHE A 397 -27.31 8.62 -0.40
C PHE A 397 -27.95 7.84 -1.53
N ASN A 398 -27.25 6.84 -2.02
CA ASN A 398 -27.87 5.81 -2.84
C ASN A 398 -27.57 4.45 -2.22
N SER A 399 -28.02 3.36 -2.86
CA SER A 399 -27.87 2.05 -2.22
C SER A 399 -26.41 1.71 -1.92
N LYS A 400 -25.46 2.34 -2.61
CA LYS A 400 -24.03 2.10 -2.42
C LYS A 400 -23.36 3.07 -1.44
N GLY A 401 -24.12 3.92 -0.76
CA GLY A 401 -23.55 4.85 0.19
C GLY A 401 -23.69 6.32 -0.18
N ILE A 402 -22.86 7.17 0.41
CA ILE A 402 -22.99 8.61 0.15
C ILE A 402 -22.60 8.90 -1.29
N ILE A 403 -23.25 9.88 -1.88
CA ILE A 403 -22.95 10.34 -3.22
C ILE A 403 -23.23 11.84 -3.27
N ASN A 404 -22.29 12.57 -3.86
CA ASN A 404 -22.31 14.02 -3.88
C ASN A 404 -23.03 14.56 -5.11
N GLN A 405 -24.08 13.88 -5.56
CA GLN A 405 -24.96 14.44 -6.57
C GLN A 405 -25.92 15.46 -5.96
N GLY A 406 -25.99 15.54 -4.63
CA GLY A 406 -26.79 16.52 -3.92
C GLY A 406 -26.12 16.89 -2.60
N LEU A 407 -26.02 18.20 -2.31
CA LEU A 407 -25.37 18.69 -1.11
C LEU A 407 -26.16 19.89 -0.60
N ILE A 408 -26.21 20.06 0.73
CA ILE A 408 -26.89 21.19 1.35
C ILE A 408 -25.93 21.78 2.37
N SER A 409 -25.78 23.10 2.37
CA SER A 409 -24.86 23.68 3.35
C SER A 409 -25.12 25.17 3.54
N VAL A 410 -25.10 25.63 4.79
CA VAL A 410 -24.99 27.08 5.01
C VAL A 410 -23.62 27.55 4.54
N LYS A 411 -23.52 28.83 4.19
CA LYS A 411 -22.27 29.40 3.71
C LYS A 411 -21.17 29.29 4.78
N ASP A 412 -19.98 28.91 4.33
CA ASP A 412 -18.77 28.78 5.17
C ASP A 412 -18.94 27.77 6.30
N SER A 413 -19.77 26.75 6.10
CA SER A 413 -19.93 25.70 7.11
C SER A 413 -18.59 25.05 7.43
N TYR A 414 -18.51 24.43 8.61
CA TYR A 414 -17.24 23.82 9.00
C TYR A 414 -16.89 22.66 8.07
N CYS A 415 -17.84 21.78 7.81
CA CYS A 415 -17.56 20.64 6.95
C CYS A 415 -17.17 21.07 5.53
N SER A 416 -17.76 22.13 5.00
CA SER A 416 -17.33 22.58 3.67
C SER A 416 -15.85 22.93 3.66
N ASN A 417 -15.36 23.53 4.74
CA ASN A 417 -13.92 23.74 4.85
C ASN A 417 -13.16 22.43 4.99
N LEU A 418 -13.70 21.48 5.77
CA LEU A 418 -13.03 20.20 5.90
C LEU A 418 -12.94 19.46 4.57
N ILE A 419 -13.97 19.58 3.73
CA ILE A 419 -14.00 18.89 2.46
C ILE A 419 -13.03 19.53 1.48
N VAL A 420 -13.02 20.87 1.44
CA VAL A 420 -12.02 21.56 0.63
C VAL A 420 -10.63 21.15 1.07
N LYS A 421 -10.39 21.10 2.39
CA LYS A 421 -9.05 20.74 2.83
C LYS A 421 -8.73 19.29 2.44
N GLN A 422 -9.69 18.40 2.59
CA GLN A 422 -9.48 17.02 2.16
C GLN A 422 -9.05 16.98 0.70
N ILE A 423 -9.78 17.67 -0.18
CA ILE A 423 -9.46 17.59 -1.60
C ILE A 423 -8.10 18.19 -1.89
N GLU A 424 -7.79 19.31 -1.24
CA GLU A 424 -6.51 19.95 -1.53
C GLU A 424 -5.35 19.12 -1.01
N ASN A 425 -5.54 18.41 0.10
CA ASN A 425 -4.46 17.61 0.62
C ASN A 425 -4.26 16.36 -0.23
N ARG A 426 -5.35 15.73 -0.66
CA ARG A 426 -5.16 14.57 -1.53
C ARG A 426 -4.50 14.97 -2.84
N TYR A 427 -4.85 16.14 -3.38
CA TYR A 427 -4.09 16.58 -4.55
C TYR A 427 -2.65 16.91 -4.19
N LYS A 428 -2.38 17.36 -2.95
CA LYS A 428 -1.00 17.61 -2.57
C LYS A 428 -0.20 16.33 -2.63
N ILE A 429 -0.73 15.26 -2.03
CA ILE A 429 -0.09 13.96 -2.08
C ILE A 429 0.08 13.50 -3.53
N LEU A 430 -1.00 13.59 -4.33
CA LEU A 430 -0.91 13.11 -5.71
C LEU A 430 0.17 13.87 -6.47
N ASN A 431 0.13 15.18 -6.44
CA ASN A 431 1.03 15.98 -7.26
C ASN A 431 2.47 15.96 -6.75
N ASN A 432 2.64 15.74 -5.44
CA ASN A 432 3.99 15.68 -4.90
C ASN A 432 4.80 14.57 -5.55
N SER A 433 4.14 13.45 -5.88
CA SER A 433 4.75 12.33 -6.59
C SER A 433 4.56 12.40 -8.10
N LEU A 434 3.46 12.98 -8.58
CA LEU A 434 3.13 12.98 -10.00
C LEU A 434 3.94 14.01 -10.77
N ASN A 435 4.05 15.23 -10.22
CA ASN A 435 4.77 16.32 -10.91
C ASN A 435 6.23 16.00 -11.24
N PRO A 436 7.03 15.45 -10.32
CA PRO A 436 8.41 15.07 -10.73
C PRO A 436 8.46 14.08 -11.87
N ALA A 437 7.55 13.11 -11.92
CA ALA A 437 7.57 12.13 -13.01
C ALA A 437 7.26 12.77 -14.36
N ILE A 438 6.27 13.67 -14.42
CA ILE A 438 5.96 14.26 -15.71
C ILE A 438 6.98 15.31 -16.11
N SER A 439 7.68 15.92 -15.14
CA SER A 439 8.63 16.98 -15.46
C SER A 439 9.70 16.50 -16.43
N GLU A 440 10.16 15.26 -16.26
CA GLU A 440 11.00 14.61 -17.27
C GLU A 440 10.15 14.22 -18.46
N ASP A 441 10.53 14.65 -19.65
CA ASP A 441 9.68 14.35 -20.79
C ASP A 441 9.95 12.92 -21.18
N ASN A 442 9.14 12.03 -20.62
CA ASN A 442 9.27 10.60 -20.88
C ASN A 442 7.93 10.07 -21.37
N ASP A 443 7.96 8.86 -21.93
CA ASP A 443 6.75 8.27 -22.48
C ASP A 443 5.77 7.92 -21.36
N PHE A 444 4.63 7.35 -21.76
CA PHE A 444 3.62 7.00 -20.77
C PHE A 444 4.14 5.94 -19.79
N ASN A 445 4.86 4.93 -20.29
CA ASN A 445 5.22 3.81 -19.41
C ASN A 445 6.26 4.22 -18.38
N THR A 446 7.34 4.87 -18.82
CA THR A 446 8.36 5.29 -17.87
C THR A 446 7.81 6.34 -16.89
N THR A 447 6.96 7.24 -17.40
CA THR A 447 6.31 8.20 -16.51
C THR A 447 5.49 7.48 -15.44
N THR A 448 4.65 6.53 -15.85
CA THR A 448 3.90 5.77 -14.86
C THR A 448 4.84 5.12 -13.85
N ASN A 449 6.02 4.64 -14.29
CA ASN A 449 6.89 3.92 -13.35
C ASN A 449 7.50 4.85 -12.31
N THR A 450 8.00 6.00 -12.73
CA THR A 450 8.49 6.96 -11.74
C THR A 450 7.37 7.37 -10.79
N PHE A 451 6.20 7.69 -11.36
CA PHE A 451 5.06 8.12 -10.56
C PHE A 451 4.68 7.06 -9.52
N ILE A 452 4.50 5.82 -9.95
CA ILE A 452 4.02 4.78 -9.04
C ILE A 452 5.07 4.45 -8.00
N ASP A 453 6.36 4.46 -8.40
CA ASP A 453 7.46 4.27 -7.45
C ASP A 453 7.35 5.27 -6.31
N SER A 454 7.18 6.55 -6.64
CA SER A 454 7.03 7.51 -5.56
C SER A 454 5.78 7.20 -4.73
N ILE A 455 4.66 6.88 -5.36
CA ILE A 455 3.46 6.56 -4.58
C ILE A 455 3.79 5.50 -3.55
N MET A 456 4.22 4.32 -4.00
CA MET A 456 4.48 3.22 -3.09
C MET A 456 5.54 3.59 -2.03
N ALA A 457 6.51 4.42 -2.38
CA ALA A 457 7.45 4.87 -1.36
C ALA A 457 6.72 5.65 -0.26
N GLU A 458 5.71 6.43 -0.62
CA GLU A 458 5.04 7.27 0.37
C GLU A 458 3.85 6.58 1.04
N ALA A 459 3.58 5.32 0.71
CA ALA A 459 2.45 4.60 1.27
C ALA A 459 2.75 4.10 2.68
N ASN A 460 1.69 3.96 3.46
CA ASN A 460 1.75 3.44 4.82
C ASN A 460 0.40 2.82 5.16
N ALA A 461 0.22 2.41 6.40
CA ALA A 461 -1.02 1.71 6.74
C ALA A 461 -2.21 2.64 6.71
N ASP A 462 -2.00 3.92 7.00
CA ASP A 462 -3.09 4.89 7.12
C ASP A 462 -3.62 5.35 5.76
N ASN A 463 -2.80 5.31 4.71
CA ASN A 463 -3.23 5.78 3.39
C ASN A 463 -3.02 4.73 2.29
N GLY A 464 -2.75 3.48 2.64
CA GLY A 464 -2.48 2.45 1.66
C GLY A 464 -3.52 2.34 0.55
N ARG A 465 -4.76 2.05 0.95
CA ARG A 465 -5.83 1.88 -0.02
C ARG A 465 -5.89 3.07 -0.97
N PHE A 466 -5.92 4.27 -0.38
CA PHE A 466 -5.95 5.50 -1.16
C PHE A 466 -4.84 5.54 -2.19
N MET A 467 -3.59 5.28 -1.78
CA MET A 467 -2.47 5.36 -2.72
C MET A 467 -2.60 4.33 -3.85
N MET A 468 -3.09 3.12 -3.54
CA MET A 468 -3.31 2.17 -4.61
C MET A 468 -4.26 2.73 -5.64
N GLU A 469 -5.26 3.51 -5.19
CA GLU A 469 -6.13 4.18 -6.15
C GLU A 469 -5.42 5.31 -6.89
N LEU A 470 -4.65 6.16 -6.18
CA LEU A 470 -3.94 7.24 -6.85
C LEU A 470 -3.07 6.70 -7.97
N GLY A 471 -2.57 5.48 -7.80
CA GLY A 471 -1.67 4.94 -8.81
C GLY A 471 -2.23 5.01 -10.22
N LYS A 472 -3.54 4.87 -10.37
CA LYS A 472 -4.11 4.80 -11.71
C LYS A 472 -4.46 6.18 -12.27
N TYR A 473 -3.91 7.25 -11.69
CA TYR A 473 -4.39 8.60 -11.98
C TYR A 473 -4.38 8.90 -13.47
N LEU A 474 -3.23 8.74 -14.13
CA LEU A 474 -3.13 9.12 -15.53
C LEU A 474 -4.06 8.32 -16.43
N ARG A 475 -4.64 7.22 -15.97
CA ARG A 475 -5.54 6.47 -16.83
C ARG A 475 -7.00 6.87 -16.62
N VAL A 476 -7.28 7.77 -15.67
CA VAL A 476 -8.66 8.14 -15.39
C VAL A 476 -9.35 8.59 -16.66
N GLY A 477 -10.47 7.93 -17.01
CA GLY A 477 -11.25 8.28 -18.16
C GLY A 477 -10.85 7.61 -19.46
N PHE A 478 -9.70 6.93 -19.52
CA PHE A 478 -9.25 6.30 -20.76
C PHE A 478 -9.04 4.79 -20.63
N PHE A 479 -9.46 4.18 -19.52
CA PHE A 479 -9.18 2.80 -19.17
C PHE A 479 -10.33 2.24 -18.31
N PRO A 480 -10.60 0.93 -18.39
CA PRO A 480 -11.64 0.36 -17.52
C PRO A 480 -11.17 0.22 -16.08
N ASP A 481 -12.14 0.22 -15.16
CA ASP A 481 -11.90 -0.07 -13.75
C ASP A 481 -10.89 0.89 -13.11
N VAL A 482 -11.08 2.19 -13.32
CA VAL A 482 -10.31 3.22 -12.61
C VAL A 482 -11.24 3.99 -11.67
N LYS A 483 -10.87 4.07 -10.39
CA LYS A 483 -11.71 4.69 -9.37
C LYS A 483 -10.99 5.79 -8.61
N THR A 484 -10.11 6.50 -9.29
CA THR A 484 -9.29 7.53 -8.66
C THR A 484 -10.10 8.78 -8.32
N THR A 485 -10.94 9.27 -9.25
CA THR A 485 -11.68 10.49 -8.95
C THR A 485 -12.47 10.35 -7.67
N ILE A 486 -13.14 9.19 -7.48
CA ILE A 486 -13.86 8.92 -6.25
C ILE A 486 -12.99 9.24 -5.04
N ASN A 487 -11.72 8.83 -5.08
CA ASN A 487 -10.86 8.95 -3.93
C ASN A 487 -10.18 10.30 -3.82
N LEU A 488 -10.15 11.06 -4.90
CA LEU A 488 -9.42 12.32 -4.96
C LEU A 488 -10.32 13.53 -4.75
N SER A 489 -11.46 13.61 -5.44
CA SER A 489 -12.33 14.76 -5.32
C SER A 489 -13.78 14.39 -5.02
N GLY A 490 -14.13 13.10 -5.02
CA GLY A 490 -15.50 12.67 -4.87
C GLY A 490 -15.85 12.25 -3.46
N PRO A 491 -16.74 11.24 -3.34
CA PRO A 491 -17.35 10.90 -2.04
C PRO A 491 -16.36 10.51 -0.97
N GLU A 492 -15.21 9.93 -1.31
CA GLU A 492 -14.28 9.52 -0.26
C GLU A 492 -13.78 10.72 0.52
N ALA A 493 -13.58 11.87 -0.15
CA ALA A 493 -13.15 13.05 0.57
C ALA A 493 -14.25 13.57 1.50
N TYR A 494 -15.51 13.42 1.11
CA TYR A 494 -16.59 13.82 2.01
C TYR A 494 -16.58 12.96 3.24
N ALA A 495 -16.58 11.63 3.07
CA ALA A 495 -16.51 10.74 4.22
C ALA A 495 -15.29 11.04 5.08
N ALA A 496 -14.14 11.32 4.45
CA ALA A 496 -12.97 11.69 5.22
C ALA A 496 -13.19 12.96 6.02
N ALA A 497 -13.90 13.95 5.46
CA ALA A 497 -14.15 15.17 6.22
C ALA A 497 -15.08 14.90 7.39
N TYR A 498 -16.12 14.12 7.17
CA TYR A 498 -17.00 13.73 8.27
C TYR A 498 -16.21 13.09 9.40
N GLN A 499 -15.33 12.17 9.04
CA GLN A 499 -14.50 11.54 10.06
C GLN A 499 -13.62 12.58 10.74
N ASP A 500 -13.09 13.54 9.98
CA ASP A 500 -12.31 14.62 10.58
C ASP A 500 -13.13 15.36 11.64
N LEU A 501 -14.40 15.62 11.35
CA LEU A 501 -15.24 16.32 12.29
C LEU A 501 -15.46 15.48 13.54
N LEU A 502 -15.83 14.21 13.35
CA LEU A 502 -16.18 13.35 14.46
C LEU A 502 -14.98 12.84 15.24
N MET A 503 -13.77 13.01 14.71
CA MET A 503 -12.53 12.63 15.39
C MET A 503 -11.75 13.84 15.87
N PHE A 504 -12.26 15.05 15.67
CA PHE A 504 -11.59 16.26 16.11
C PHE A 504 -10.18 16.37 15.55
N LYS A 505 -10.04 16.05 14.27
CA LYS A 505 -8.77 16.14 13.58
C LYS A 505 -9.00 16.68 12.18
N GLU A 506 -7.92 16.76 11.42
CA GLU A 506 -7.98 17.05 10.00
C GLU A 506 -6.96 16.15 9.32
N GLY A 507 -7.31 15.65 8.15
CA GLY A 507 -6.40 14.82 7.39
C GLY A 507 -6.65 13.34 7.41
N SER A 508 -7.84 12.88 7.82
CA SER A 508 -8.14 11.46 7.79
C SER A 508 -7.93 10.91 6.39
N MET A 509 -7.29 9.75 6.33
CA MET A 509 -7.03 9.07 5.07
C MET A 509 -7.63 7.69 5.02
N ASN A 510 -7.94 7.08 6.16
CA ASN A 510 -8.40 5.71 6.23
C ASN A 510 -9.75 5.73 6.96
N ILE A 511 -10.82 5.53 6.22
CA ILE A 511 -12.16 5.73 6.75
C ILE A 511 -12.64 4.47 7.47
N HIS A 512 -13.04 4.63 8.73
CA HIS A 512 -13.62 3.55 9.48
C HIS A 512 -15.06 3.83 9.87
N LEU A 513 -15.59 5.02 9.58
CA LEU A 513 -16.97 5.30 9.87
C LEU A 513 -17.86 4.30 9.14
N ILE A 514 -18.95 3.91 9.80
CA ILE A 514 -19.93 3.03 9.18
C ILE A 514 -21.14 3.84 8.74
N GLU A 515 -22.06 3.17 8.06
CA GLU A 515 -23.17 3.89 7.47
C GLU A 515 -23.97 4.65 8.53
N ALA A 516 -24.09 4.10 9.74
CA ALA A 516 -24.85 4.81 10.77
C ALA A 516 -24.22 6.16 11.10
N ASP A 517 -22.88 6.23 11.10
CA ASP A 517 -22.20 7.50 11.34
C ASP A 517 -22.49 8.49 10.24
N LEU A 518 -22.45 8.04 8.99
CA LEU A 518 -22.60 8.94 7.86
C LEU A 518 -24.03 9.41 7.73
N ARG A 519 -25.01 8.57 8.12
CA ARG A 519 -26.40 8.96 8.07
C ARG A 519 -26.69 10.22 8.88
N ASN A 520 -25.82 10.59 9.81
CA ASN A 520 -26.00 11.85 10.50
C ASN A 520 -25.92 13.03 9.55
N PHE A 521 -25.59 12.82 8.28
CA PHE A 521 -25.43 13.92 7.33
C PHE A 521 -26.28 13.76 6.09
N GLU A 522 -27.22 12.83 6.06
CA GLU A 522 -28.00 12.61 4.86
C GLU A 522 -28.97 13.76 4.62
N ILE A 523 -29.21 14.02 3.35
CA ILE A 523 -30.29 14.88 2.89
C ILE A 523 -31.60 14.08 2.96
N SER A 524 -32.65 14.68 3.54
CA SER A 524 -33.93 13.99 3.58
C SER A 524 -34.34 13.52 2.19
N LYS A 525 -34.81 12.28 2.13
CA LYS A 525 -35.20 11.73 0.83
C LYS A 525 -36.22 12.64 0.12
N THR A 526 -37.04 13.36 0.90
CA THR A 526 -38.11 14.20 0.33
C THR A 526 -37.60 15.40 -0.45
N ASN A 527 -36.34 15.78 -0.31
CA ASN A 527 -35.82 16.97 -0.96
C ASN A 527 -35.22 16.70 -2.34
N ILE A 528 -35.05 15.43 -2.74
CA ILE A 528 -34.50 15.12 -4.06
C ILE A 528 -35.21 13.88 -4.59
N SER A 529 -35.45 13.86 -5.90
CA SER A 529 -35.79 12.63 -6.61
C SER A 529 -34.56 12.15 -7.36
N GLN A 530 -33.86 11.14 -6.83
CA GLN A 530 -32.64 10.67 -7.48
C GLN A 530 -32.89 9.61 -8.53
N SER A 531 -34.04 8.95 -8.52
CA SER A 531 -34.28 7.80 -9.40
C SER A 531 -34.80 8.25 -10.78
N THR A 532 -34.02 9.07 -11.45
CA THR A 532 -34.46 9.62 -12.73
C THR A 532 -33.94 8.83 -13.93
N GLU A 533 -34.55 9.06 -15.09
CA GLU A 533 -34.11 8.32 -16.27
C GLU A 533 -32.67 8.69 -16.59
N GLN A 534 -32.35 9.98 -16.46
CA GLN A 534 -31.04 10.44 -16.84
C GLN A 534 -29.97 9.91 -15.89
N GLU A 535 -30.32 9.70 -14.62
CA GLU A 535 -29.28 9.30 -13.70
C GLU A 535 -29.04 7.82 -13.76
N MET A 536 -30.05 7.06 -14.13
CA MET A 536 -29.79 5.65 -14.43
C MET A 536 -28.97 5.51 -15.69
N ALA A 537 -29.20 6.38 -16.68
CA ALA A 537 -28.25 6.48 -17.80
C ALA A 537 -26.84 6.78 -17.32
N SER A 538 -26.68 7.76 -16.44
CA SER A 538 -25.36 8.22 -15.97
C SER A 538 -24.66 7.19 -15.10
N LEU A 539 -25.34 6.13 -14.72
CA LEU A 539 -24.83 5.17 -13.75
C LEU A 539 -23.96 4.08 -14.36
N TRP A 540 -23.78 4.07 -15.69
CA TRP A 540 -22.98 3.05 -16.34
C TRP A 540 -21.50 3.19 -15.94
N SER A 541 -20.82 2.06 -15.81
CA SER A 541 -19.42 2.05 -15.43
C SER A 541 -18.59 1.44 -16.56
N PHE A 542 -17.39 1.97 -16.75
CA PHE A 542 -16.41 1.37 -17.66
C PHE A 542 -15.87 0.13 -16.96
N ASP A 543 -16.57 -0.99 -17.11
CA ASP A 543 -16.43 -2.14 -16.22
C ASP A 543 -15.56 -3.27 -16.76
N ASP A 544 -14.91 -3.07 -17.92
CA ASP A 544 -14.03 -4.12 -18.46
C ASP A 544 -14.76 -5.30 -19.10
N ALA A 545 -16.10 -5.29 -19.07
CA ALA A 545 -16.88 -6.01 -20.05
C ALA A 545 -17.31 -5.07 -21.17
N ARG A 546 -17.75 -3.86 -20.81
CA ARG A 546 -18.01 -2.86 -21.84
C ARG A 546 -16.75 -2.46 -22.59
N ALA A 547 -15.59 -2.61 -21.97
CA ALA A 547 -14.35 -2.40 -22.70
C ALA A 547 -14.21 -3.44 -23.83
N LYS A 548 -14.45 -4.72 -23.50
CA LYS A 548 -14.44 -5.75 -24.53
C LYS A 548 -15.42 -5.42 -25.65
N ALA A 549 -16.67 -5.18 -25.29
CA ALA A 549 -17.68 -4.90 -26.29
C ALA A 549 -17.27 -3.70 -27.15
N GLN A 550 -16.79 -2.63 -26.50
CA GLN A 550 -16.40 -1.41 -27.18
C GLN A 550 -15.28 -1.67 -28.17
N PHE A 551 -14.31 -2.48 -27.77
CA PHE A 551 -13.30 -2.94 -28.71
C PHE A 551 -13.96 -3.63 -29.91
N GLU A 552 -14.99 -4.45 -29.65
CA GLU A 552 -15.57 -5.21 -30.74
C GLU A 552 -16.32 -4.32 -31.72
N GLU A 553 -16.91 -3.23 -31.26
CA GLU A 553 -17.57 -2.33 -32.19
C GLU A 553 -16.62 -1.27 -32.73
N TYR A 554 -15.40 -1.17 -32.20
CA TYR A 554 -14.39 -0.37 -32.88
C TYR A 554 -13.80 -1.15 -34.06
N LYS A 555 -13.45 -2.43 -33.86
CA LYS A 555 -12.98 -3.22 -35.01
C LYS A 555 -14.12 -3.54 -35.97
N ARG A 556 -15.36 -3.62 -35.47
CA ARG A 556 -16.51 -3.77 -36.34
C ARG A 556 -16.82 -2.48 -37.10
N ASN A 557 -16.61 -1.32 -36.45
CA ASN A 557 -16.81 -0.01 -37.04
C ASN A 557 -15.64 0.48 -37.87
N TYR A 558 -14.53 -0.26 -37.89
CA TYR A 558 -13.35 0.11 -38.65
C TYR A 558 -13.02 -0.84 -39.78
N PHE A 559 -13.58 -2.06 -39.78
CA PHE A 559 -13.33 -3.02 -40.85
C PHE A 559 -14.66 -3.63 -41.34
N SER B 22 1.16 -26.07 35.14
CA SER B 22 0.81 -25.97 33.73
C SER B 22 -0.20 -24.84 33.52
N LEU B 23 -0.95 -24.95 32.43
CA LEU B 23 -2.09 -24.08 32.21
C LEU B 23 -3.33 -24.67 32.92
N VAL B 24 -4.47 -24.00 32.76
CA VAL B 24 -5.68 -24.37 33.49
C VAL B 24 -6.28 -25.66 32.95
N ASN B 25 -6.91 -26.43 33.84
CA ASN B 25 -7.56 -27.70 33.50
C ASN B 25 -8.99 -27.46 33.03
N ARG B 26 -9.66 -28.55 32.64
CA ARG B 26 -11.00 -28.42 32.06
C ARG B 26 -11.94 -27.68 32.98
N LYS B 27 -12.05 -28.12 34.24
CA LYS B 27 -13.05 -27.52 35.12
C LYS B 27 -12.67 -26.10 35.51
N GLN B 28 -11.39 -25.74 35.47
CA GLN B 28 -11.01 -24.35 35.74
C GLN B 28 -11.50 -23.43 34.64
N LEU B 29 -11.42 -23.88 33.38
CA LEU B 29 -12.00 -23.10 32.30
C LEU B 29 -13.51 -23.09 32.40
N GLU B 30 -14.09 -24.23 32.79
CA GLU B 30 -15.54 -24.26 33.00
C GLU B 30 -15.95 -23.22 34.02
N LYS B 31 -15.12 -23.02 35.06
CA LYS B 31 -15.39 -21.96 36.02
C LYS B 31 -15.16 -20.57 35.41
N MET B 32 -14.07 -20.41 34.68
CA MET B 32 -13.82 -19.12 34.04
C MET B 32 -14.89 -18.80 33.00
N ALA B 33 -15.17 -19.76 32.11
CA ALA B 33 -16.06 -19.52 30.97
C ALA B 33 -17.51 -19.87 31.28
N ASN B 34 -17.90 -19.87 32.55
CA ASN B 34 -19.27 -20.14 32.94
C ASN B 34 -20.07 -18.85 33.00
N VAL B 35 -21.31 -18.89 32.52
CA VAL B 35 -22.23 -17.76 32.61
C VAL B 35 -23.61 -18.28 33.04
N ARG B 36 -24.28 -17.52 33.91
CA ARG B 36 -25.44 -18.02 34.62
C ARG B 36 -26.62 -18.29 33.69
N PHE B 37 -27.14 -19.51 33.72
CA PHE B 37 -28.32 -19.92 32.97
C PHE B 37 -28.01 -20.23 31.51
N ARG B 38 -26.77 -20.62 31.19
CA ARG B 38 -26.38 -20.84 29.81
C ARG B 38 -25.92 -22.28 29.61
N THR B 39 -26.54 -22.96 28.64
CA THR B 39 -26.18 -24.33 28.31
C THR B 39 -24.87 -24.38 27.56
N GLN B 40 -24.16 -25.49 27.69
CA GLN B 40 -22.89 -25.68 27.02
C GLN B 40 -23.11 -26.20 25.60
N GLU B 41 -22.71 -25.41 24.61
CA GLU B 41 -22.93 -25.72 23.21
C GLU B 41 -21.93 -26.76 22.70
N ASP B 42 -22.15 -27.19 21.46
CA ASP B 42 -21.27 -28.18 20.83
C ASP B 42 -19.87 -27.64 20.62
N GLU B 43 -19.74 -26.41 20.13
CA GLU B 43 -18.42 -25.83 19.95
C GLU B 43 -17.67 -25.79 21.28
N TYR B 44 -18.35 -25.34 22.33
CA TYR B 44 -17.75 -25.29 23.65
C TYR B 44 -17.36 -26.68 24.14
N VAL B 45 -18.26 -27.65 24.04
CA VAL B 45 -17.92 -29.02 24.45
C VAL B 45 -16.72 -29.53 23.67
N ALA B 46 -16.64 -29.19 22.39
CA ALA B 46 -15.47 -29.57 21.59
C ALA B 46 -14.19 -28.98 22.18
N ILE B 47 -14.25 -27.71 22.60
CA ILE B 47 -13.09 -27.09 23.24
C ILE B 47 -12.71 -27.88 24.49
N LEU B 48 -13.69 -28.21 25.35
CA LEU B 48 -13.36 -28.87 26.61
C LEU B 48 -12.82 -30.28 26.38
N ASP B 49 -13.41 -31.03 25.44
CA ASP B 49 -12.82 -32.31 25.08
C ASP B 49 -11.38 -32.14 24.64
N ALA B 50 -11.12 -31.10 23.83
CA ALA B 50 -9.77 -30.88 23.33
C ALA B 50 -8.79 -30.61 24.47
N LEU B 51 -9.15 -29.73 25.41
CA LEU B 51 -8.27 -29.44 26.53
C LEU B 51 -8.06 -30.67 27.40
N GLU B 52 -9.15 -31.38 27.70
CA GLU B 52 -9.05 -32.60 28.47
C GLU B 52 -8.12 -33.59 27.80
N GLU B 53 -8.18 -33.66 26.47
CA GLU B 53 -7.30 -34.56 25.73
C GLU B 53 -5.85 -34.10 25.82
N TYR B 54 -5.63 -32.78 25.80
CA TYR B 54 -4.26 -32.25 25.86
C TYR B 54 -3.59 -32.60 27.18
N HIS B 55 -4.28 -32.37 28.30
CA HIS B 55 -3.63 -32.66 29.58
C HIS B 55 -3.34 -34.14 29.76
N ASN B 56 -4.15 -35.01 29.13
CA ASN B 56 -3.87 -36.44 29.17
C ASN B 56 -2.70 -36.81 28.27
N MET B 57 -2.34 -35.93 27.34
CA MET B 57 -1.36 -36.23 26.32
C MET B 57 0.07 -36.00 26.77
N SER B 58 0.34 -36.03 28.08
CA SER B 58 1.70 -35.91 28.55
C SER B 58 2.52 -37.10 28.05
N GLU B 59 3.75 -36.82 27.62
CA GLU B 59 4.65 -37.82 27.05
C GLU B 59 4.31 -38.16 25.60
N ASN B 60 3.64 -37.25 24.88
CA ASN B 60 3.58 -37.30 23.44
C ASN B 60 4.70 -36.41 22.93
N THR B 61 5.01 -36.50 21.64
CA THR B 61 6.08 -35.69 21.10
C THR B 61 5.74 -34.21 21.21
N VAL B 62 6.78 -33.38 21.34
CA VAL B 62 6.59 -31.92 21.45
C VAL B 62 5.68 -31.40 20.35
N VAL B 63 5.97 -31.80 19.10
CA VAL B 63 5.17 -31.36 17.96
C VAL B 63 3.71 -31.74 18.17
N GLU B 64 3.44 -32.93 18.72
CA GLU B 64 2.06 -33.36 18.94
C GLU B 64 1.34 -32.47 19.95
N LYS B 65 2.00 -32.17 21.07
CA LYS B 65 1.39 -31.24 22.03
C LYS B 65 1.10 -29.90 21.38
N TYR B 66 2.06 -29.37 20.60
CA TYR B 66 1.80 -28.13 19.89
C TYR B 66 0.56 -28.26 19.01
N LEU B 67 0.52 -29.31 18.18
CA LEU B 67 -0.60 -29.45 17.25
C LEU B 67 -1.94 -29.55 18.00
N LYS B 68 -1.96 -30.23 19.14
CA LYS B 68 -3.21 -30.26 19.90
C LYS B 68 -3.54 -28.89 20.46
N LEU B 69 -2.53 -28.10 20.84
CA LEU B 69 -2.79 -26.73 21.25
C LEU B 69 -3.32 -25.89 20.10
N LYS B 70 -2.88 -26.19 18.87
CA LYS B 70 -3.36 -25.45 17.70
C LYS B 70 -4.80 -25.80 17.38
N ASP B 71 -5.16 -27.08 17.48
CA ASP B 71 -6.57 -27.44 17.33
C ASP B 71 -7.41 -26.83 18.43
N ILE B 72 -6.86 -26.77 19.65
CA ILE B 72 -7.59 -26.11 20.73
C ILE B 72 -7.86 -24.67 20.37
N ASN B 73 -6.80 -23.92 20.02
CA ASN B 73 -6.96 -22.52 19.66
C ASN B 73 -7.94 -22.37 18.51
N SER B 74 -7.90 -23.29 17.54
CA SER B 74 -8.80 -23.23 16.41
C SER B 74 -10.25 -23.44 16.85
N LEU B 75 -10.49 -24.36 17.77
CA LEU B 75 -11.84 -24.58 18.31
C LEU B 75 -12.33 -23.36 19.06
N THR B 76 -11.45 -22.74 19.87
CA THR B 76 -11.85 -21.56 20.62
C THR B 76 -12.18 -20.41 19.68
N ASP B 77 -11.39 -20.24 18.63
CA ASP B 77 -11.72 -19.24 17.63
C ASP B 77 -13.07 -19.53 17.01
N ILE B 78 -13.34 -20.82 16.73
CA ILE B 78 -14.62 -21.19 16.12
C ILE B 78 -15.78 -20.78 17.04
N TYR B 79 -15.61 -20.97 18.35
CA TYR B 79 -16.66 -20.55 19.27
C TYR B 79 -16.82 -19.04 19.25
N ILE B 80 -15.70 -18.30 19.29
CA ILE B 80 -15.79 -16.84 19.34
C ILE B 80 -16.49 -16.29 18.10
N ASP B 81 -16.21 -16.86 16.93
CA ASP B 81 -16.87 -16.39 15.72
C ASP B 81 -18.33 -16.83 15.63
N THR B 82 -18.68 -17.97 16.22
CA THR B 82 -20.05 -18.46 16.11
C THR B 82 -21.02 -17.66 16.99
N TYR B 83 -20.66 -17.43 18.24
CA TYR B 83 -21.52 -16.74 19.20
C TYR B 83 -20.90 -15.38 19.56
N LYS B 84 -21.07 -14.41 18.65
CA LYS B 84 -20.25 -13.20 18.69
C LYS B 84 -20.52 -12.37 19.94
N LYS B 85 -21.79 -12.17 20.29
CA LYS B 85 -22.13 -11.38 21.45
C LYS B 85 -22.25 -12.23 22.70
N SER B 86 -21.53 -13.36 22.76
CA SER B 86 -21.64 -14.27 23.89
C SER B 86 -20.96 -13.69 25.12
N GLY B 87 -21.47 -14.08 26.30
CA GLY B 87 -20.95 -13.59 27.56
C GLY B 87 -19.75 -14.33 28.10
N ARG B 88 -19.40 -15.47 27.50
CA ARG B 88 -18.20 -16.21 27.88
C ARG B 88 -16.97 -15.85 27.06
N ASN B 89 -17.11 -15.02 26.01
CA ASN B 89 -15.98 -14.73 25.14
C ASN B 89 -14.87 -13.99 25.87
N LYS B 90 -15.21 -13.20 26.88
CA LYS B 90 -14.19 -12.48 27.63
C LYS B 90 -13.21 -13.48 28.26
N ALA B 91 -13.76 -14.43 29.03
CA ALA B 91 -12.92 -15.46 29.63
C ALA B 91 -12.19 -16.25 28.55
N LEU B 92 -12.86 -16.55 27.44
CA LEU B 92 -12.18 -17.35 26.42
C LEU B 92 -11.00 -16.61 25.80
N LYS B 93 -11.10 -15.28 25.64
CA LYS B 93 -9.98 -14.51 25.12
C LYS B 93 -8.81 -14.51 26.10
N LYS B 94 -9.09 -14.29 27.39
CA LYS B 94 -8.02 -14.47 28.36
C LYS B 94 -7.43 -15.88 28.29
N PHE B 95 -8.28 -16.85 27.93
CA PHE B 95 -7.83 -18.22 27.72
C PHE B 95 -6.87 -18.31 26.53
N LYS B 96 -7.10 -17.49 25.49
CA LYS B 96 -6.13 -17.39 24.39
C LYS B 96 -4.77 -16.95 24.91
N GLU B 97 -4.74 -15.87 25.70
CA GLU B 97 -3.48 -15.48 26.32
C GLU B 97 -2.83 -16.68 27.04
N TYR B 98 -3.63 -17.42 27.80
CA TYR B 98 -3.10 -18.59 28.51
C TYR B 98 -2.47 -19.58 27.54
N LEU B 99 -3.10 -19.79 26.37
CA LEU B 99 -2.52 -20.70 25.38
C LEU B 99 -1.15 -20.21 24.91
N VAL B 100 -1.01 -18.90 24.66
CA VAL B 100 0.30 -18.39 24.27
C VAL B 100 1.33 -18.72 25.33
N THR B 101 1.03 -18.41 26.60
CA THR B 101 1.99 -18.69 27.66
C THR B 101 2.36 -20.18 27.69
N GLU B 102 1.37 -21.05 27.50
CA GLU B 102 1.66 -22.49 27.52
C GLU B 102 2.58 -22.90 26.38
N VAL B 103 2.43 -22.27 25.21
CA VAL B 103 3.34 -22.61 24.12
C VAL B 103 4.76 -22.19 24.47
N LEU B 104 4.92 -21.00 25.09
CA LEU B 104 6.26 -20.61 25.51
C LEU B 104 6.84 -21.61 26.50
N GLU B 105 6.04 -22.06 27.47
CA GLU B 105 6.57 -23.03 28.42
C GLU B 105 6.91 -24.36 27.76
N LEU B 106 6.10 -24.81 26.79
CA LEU B 106 6.43 -26.04 26.06
C LEU B 106 7.75 -25.88 25.31
N LYS B 107 7.96 -24.73 24.67
CA LYS B 107 9.21 -24.51 23.95
C LYS B 107 10.39 -24.52 24.91
N ASN B 108 10.21 -23.99 26.11
CA ASN B 108 11.34 -23.78 26.99
C ASN B 108 11.72 -25.03 27.79
N ASN B 109 10.78 -25.95 28.03
CA ASN B 109 10.95 -27.04 28.98
C ASN B 109 11.23 -28.39 28.32
N ASN B 110 11.44 -28.43 27.01
CA ASN B 110 11.70 -29.70 26.31
C ASN B 110 12.79 -29.46 25.26
N LEU B 111 14.04 -29.61 25.67
CA LEU B 111 15.18 -29.41 24.78
C LEU B 111 15.66 -30.74 24.19
N THR B 112 16.40 -30.64 23.08
CA THR B 112 16.92 -31.77 22.34
C THR B 112 18.34 -31.47 21.88
N PRO B 113 19.20 -32.47 21.72
CA PRO B 113 20.52 -32.22 21.16
C PRO B 113 20.38 -31.65 19.75
N VAL B 114 21.25 -30.70 19.41
CA VAL B 114 21.33 -30.18 18.06
C VAL B 114 22.51 -30.87 17.36
N GLU B 115 22.21 -31.52 16.25
CA GLU B 115 23.22 -32.17 15.42
C GLU B 115 24.47 -31.29 15.28
N LYS B 116 25.62 -31.89 15.55
CA LYS B 116 26.88 -31.14 15.58
C LYS B 116 27.38 -30.89 14.16
N ASN B 117 26.63 -30.06 13.45
CA ASN B 117 26.99 -29.63 12.11
C ASN B 117 27.07 -28.12 12.05
N LEU B 118 28.06 -27.60 11.33
CA LEU B 118 28.16 -26.19 11.01
C LEU B 118 28.02 -26.04 9.52
N HIS B 119 27.12 -25.14 9.12
CA HIS B 119 26.77 -24.88 7.73
C HIS B 119 27.19 -23.46 7.34
N PHE B 120 27.98 -23.36 6.30
CA PHE B 120 28.26 -22.09 5.66
C PHE B 120 27.75 -22.20 4.23
N VAL B 121 27.59 -21.05 3.56
CA VAL B 121 27.22 -21.04 2.17
C VAL B 121 28.15 -20.11 1.43
N TRP B 122 28.78 -20.61 0.36
CA TRP B 122 29.49 -19.76 -0.59
C TRP B 122 29.23 -20.27 -1.98
N ILE B 123 28.43 -19.53 -2.73
CA ILE B 123 27.93 -19.99 -4.02
C ILE B 123 28.22 -18.91 -5.05
N GLY B 124 28.36 -19.33 -6.31
CA GLY B 124 28.44 -18.42 -7.44
C GLY B 124 29.80 -17.86 -7.77
N GLY B 125 30.86 -18.33 -7.12
CA GLY B 125 32.18 -17.82 -7.42
C GLY B 125 33.21 -18.44 -6.50
N GLN B 126 34.44 -17.93 -6.56
CA GLN B 126 35.53 -18.52 -5.80
C GLN B 126 35.56 -17.96 -4.38
N ILE B 127 35.76 -18.85 -3.41
CA ILE B 127 35.79 -18.44 -2.01
C ILE B 127 37.11 -17.74 -1.72
N ASN B 128 37.05 -16.61 -1.04
CA ASN B 128 38.23 -15.79 -0.78
C ASN B 128 38.91 -16.21 0.51
N ASP B 129 40.11 -15.66 0.72
CA ASP B 129 40.92 -16.06 1.86
C ASP B 129 40.30 -15.62 3.18
N THR B 130 39.72 -14.42 3.26
CA THR B 130 39.27 -13.93 4.55
C THR B 130 38.13 -14.78 5.08
N ALA B 131 37.27 -15.26 4.18
CA ALA B 131 36.26 -16.24 4.61
C ALA B 131 36.91 -17.51 5.16
N ILE B 132 37.89 -18.06 4.45
CA ILE B 132 38.50 -19.31 4.91
C ILE B 132 39.16 -19.12 6.27
N ASN B 133 39.70 -17.93 6.52
CA ASN B 133 40.28 -17.68 7.83
C ASN B 133 39.20 -17.65 8.91
N TYR B 134 38.15 -16.85 8.70
CA TYR B 134 37.06 -16.77 9.67
C TYR B 134 36.48 -18.15 9.96
N ILE B 135 36.18 -18.91 8.90
CA ILE B 135 35.69 -20.28 9.04
C ILE B 135 36.65 -21.11 9.88
N ASN B 136 37.95 -21.01 9.56
CA ASN B 136 38.95 -21.82 10.24
C ASN B 136 38.94 -21.60 11.74
N GLN B 137 38.63 -20.39 12.20
CA GLN B 137 38.43 -20.22 13.65
C GLN B 137 37.39 -21.21 14.19
N TRP B 138 36.20 -21.19 13.60
CA TRP B 138 35.14 -22.12 14.00
C TRP B 138 35.66 -23.56 13.98
N LYS B 139 36.39 -23.94 12.92
CA LYS B 139 36.94 -25.28 12.86
C LYS B 139 37.85 -25.57 14.05
N ASP B 140 38.75 -24.64 14.33
CA ASP B 140 39.77 -24.89 15.35
C ASP B 140 39.14 -25.11 16.72
N VAL B 141 38.13 -24.32 17.09
CA VAL B 141 37.59 -24.46 18.44
C VAL B 141 36.37 -25.38 18.54
N ASN B 142 36.01 -25.99 17.41
CA ASN B 142 34.90 -26.94 17.35
C ASN B 142 35.29 -28.18 16.56
N SER B 143 36.17 -29.01 17.12
CA SER B 143 36.58 -30.23 16.42
C SER B 143 35.49 -31.29 16.41
N ASP B 144 34.55 -31.23 17.36
CA ASP B 144 33.46 -32.18 17.41
C ASP B 144 32.34 -31.85 16.42
N TYR B 145 32.36 -30.66 15.82
CA TYR B 145 31.32 -30.28 14.86
C TYR B 145 31.79 -30.60 13.45
N ASN B 146 30.95 -31.32 12.71
CA ASN B 146 31.18 -31.47 11.28
C ASN B 146 30.84 -30.18 10.57
N VAL B 147 31.62 -29.84 9.55
CA VAL B 147 31.50 -28.57 8.85
C VAL B 147 31.14 -28.81 7.38
N ASN B 148 30.10 -28.12 6.92
CA ASN B 148 29.70 -28.08 5.52
C ASN B 148 29.88 -26.66 5.01
N VAL B 149 30.53 -26.52 3.86
CA VAL B 149 30.57 -25.27 3.14
C VAL B 149 29.86 -25.52 1.81
N PHE B 150 28.57 -25.24 1.76
CA PHE B 150 27.80 -25.58 0.59
C PHE B 150 28.23 -24.72 -0.59
N TYR B 151 28.35 -25.34 -1.76
CA TYR B 151 28.64 -24.64 -3.00
C TYR B 151 27.82 -25.29 -4.11
N ASP B 152 27.77 -24.62 -5.26
CA ASP B 152 27.08 -25.14 -6.43
C ASP B 152 28.11 -25.30 -7.54
N SER B 153 28.57 -26.54 -7.73
CA SER B 153 29.65 -26.84 -8.66
C SER B 153 29.27 -26.56 -10.12
N ASN B 154 28.00 -26.35 -10.40
CA ASN B 154 27.56 -26.03 -11.76
C ASN B 154 27.57 -24.54 -12.05
N ALA B 155 27.85 -23.69 -11.07
CA ALA B 155 27.60 -22.26 -11.23
C ALA B 155 28.72 -21.41 -10.61
N PHE B 156 29.97 -21.77 -10.88
CA PHE B 156 31.06 -20.92 -10.40
C PHE B 156 31.12 -19.59 -11.16
N LEU B 157 30.45 -19.47 -12.30
CA LEU B 157 30.60 -18.30 -13.15
C LEU B 157 29.47 -17.29 -12.99
N ILE B 158 28.54 -17.52 -12.05
CA ILE B 158 27.41 -16.60 -11.95
C ILE B 158 27.89 -15.22 -11.56
N ASN B 159 28.68 -15.12 -10.49
CA ASN B 159 29.16 -13.80 -10.06
C ASN B 159 29.96 -13.12 -11.16
N THR B 160 30.76 -13.90 -11.89
CA THR B 160 31.50 -13.37 -13.03
C THR B 160 30.55 -12.80 -14.07
N LEU B 161 29.50 -13.56 -14.41
CA LEU B 161 28.51 -13.11 -15.36
C LEU B 161 27.87 -11.82 -14.91
N LYS B 162 27.46 -11.75 -13.64
CA LYS B 162 26.84 -10.54 -13.12
C LYS B 162 27.78 -9.35 -13.23
N LYS B 163 29.03 -9.50 -12.76
CA LYS B 163 29.99 -8.40 -12.81
C LYS B 163 30.20 -7.91 -14.23
N THR B 164 30.39 -8.83 -15.17
CA THR B 164 30.69 -8.39 -16.53
C THR B 164 29.48 -7.72 -17.16
N VAL B 165 28.28 -8.26 -16.92
CA VAL B 165 27.08 -7.63 -17.46
C VAL B 165 26.90 -6.23 -16.88
N VAL B 166 27.13 -6.07 -15.57
CA VAL B 166 26.94 -4.76 -14.96
C VAL B 166 28.00 -3.77 -15.45
N GLU B 167 29.24 -4.22 -15.62
CA GLU B 167 30.26 -3.31 -16.12
C GLU B 167 29.93 -2.87 -17.55
N SER B 168 29.73 -3.83 -18.46
CA SER B 168 29.28 -3.48 -19.80
C SER B 168 28.12 -2.50 -19.77
N ALA B 169 27.17 -2.69 -18.83
CA ALA B 169 26.05 -1.75 -18.73
C ALA B 169 26.51 -0.36 -18.30
N ILE B 170 27.42 -0.29 -17.33
CA ILE B 170 27.93 1.01 -16.89
C ILE B 170 28.54 1.77 -18.07
N ASN B 171 29.37 1.08 -18.86
CA ASN B 171 30.04 1.72 -19.99
C ASN B 171 29.02 2.16 -21.03
N ASP B 172 28.12 1.25 -21.44
CA ASP B 172 27.11 1.63 -22.41
C ASP B 172 26.38 2.89 -21.94
N THR B 173 26.05 2.95 -20.65
CA THR B 173 25.30 4.10 -20.12
C THR B 173 26.11 5.38 -20.25
N LEU B 174 27.36 5.35 -19.80
CA LEU B 174 28.18 6.55 -19.84
C LEU B 174 28.36 7.05 -21.27
N GLU B 175 28.58 6.12 -22.21
CA GLU B 175 28.59 6.49 -23.62
C GLU B 175 27.29 7.19 -24.02
N SER B 176 26.15 6.70 -23.54
CA SER B 176 24.90 7.39 -23.81
C SER B 176 24.94 8.82 -23.26
N PHE B 177 25.56 9.01 -22.10
CA PHE B 177 25.73 10.36 -21.59
C PHE B 177 26.64 11.19 -22.49
N ARG B 178 27.64 10.54 -23.09
CA ARG B 178 28.42 11.23 -24.08
C ARG B 178 29.02 12.54 -23.61
N GLU B 179 28.74 13.59 -24.39
CA GLU B 179 29.30 14.90 -24.11
C GLU B 179 28.46 15.69 -23.10
N ASN B 180 27.14 15.74 -23.28
CA ASN B 180 26.32 16.52 -22.36
C ASN B 180 26.40 15.95 -20.94
N LEU B 181 27.53 16.17 -20.27
CA LEU B 181 27.72 15.71 -18.90
C LEU B 181 27.24 16.72 -17.88
N ASN B 182 27.43 18.02 -18.16
CA ASN B 182 27.03 19.06 -17.22
C ASN B 182 25.53 19.33 -17.27
N ASP B 183 24.82 18.80 -18.25
CA ASP B 183 23.38 18.90 -18.28
C ASP B 183 22.81 18.53 -16.92
N PRO B 184 21.97 19.37 -16.31
CA PRO B 184 21.47 19.05 -14.96
C PRO B 184 20.49 17.89 -14.92
N ARG B 185 19.72 17.64 -16.00
CA ARG B 185 18.77 16.54 -15.99
C ARG B 185 19.42 15.19 -16.32
N PHE B 186 20.73 15.17 -16.58
CA PHE B 186 21.51 13.93 -16.64
C PHE B 186 22.26 13.73 -15.33
N ASP B 187 21.50 13.51 -14.26
CA ASP B 187 22.07 13.31 -12.94
C ASP B 187 22.17 11.82 -12.63
N TYR B 188 22.57 11.51 -11.41
CA TYR B 188 22.78 10.10 -11.03
C TYR B 188 21.48 9.30 -11.15
N ASN B 189 20.32 9.90 -10.84
CA ASN B 189 19.06 9.19 -10.98
C ASN B 189 18.88 8.66 -12.39
N LYS B 190 18.98 9.55 -13.38
CA LYS B 190 18.82 9.13 -14.76
C LYS B 190 19.87 8.09 -15.13
N PHE B 191 21.09 8.23 -14.57
CA PHE B 191 22.12 7.23 -14.82
C PHE B 191 21.67 5.84 -14.38
N PHE B 192 21.14 5.72 -13.17
CA PHE B 192 20.77 4.39 -12.70
C PHE B 192 19.51 3.88 -13.38
N ARG B 193 18.63 4.78 -13.82
CA ARG B 193 17.46 4.31 -14.56
C ARG B 193 17.85 3.76 -15.93
N LYS B 194 18.73 4.45 -16.65
CA LYS B 194 19.17 3.95 -17.94
C LYS B 194 19.97 2.66 -17.77
N ARG B 195 20.90 2.65 -16.81
CA ARG B 195 21.69 1.46 -16.54
C ARG B 195 20.79 0.30 -16.19
N MET B 196 19.72 0.57 -15.43
CA MET B 196 18.80 -0.50 -15.11
C MET B 196 18.14 -1.04 -16.37
N GLU B 197 17.74 -0.15 -17.28
CA GLU B 197 17.12 -0.63 -18.51
C GLU B 197 18.05 -1.59 -19.23
N ILE B 198 19.33 -1.19 -19.40
CA ILE B 198 20.27 -2.03 -20.14
C ILE B 198 20.53 -3.33 -19.39
N ILE B 199 20.66 -3.26 -18.07
CA ILE B 199 20.91 -4.47 -17.29
C ILE B 199 19.77 -5.45 -17.48
N TYR B 200 18.53 -4.97 -17.44
CA TYR B 200 17.40 -5.88 -17.64
C TYR B 200 17.40 -6.48 -19.03
N ASP B 201 17.70 -5.69 -20.06
CA ASP B 201 17.73 -6.26 -21.42
C ASP B 201 18.77 -7.36 -21.52
N LYS B 202 19.99 -7.09 -21.07
CA LYS B 202 21.01 -8.12 -21.12
C LYS B 202 20.61 -9.34 -20.30
N GLN B 203 19.97 -9.10 -19.16
CA GLN B 203 19.60 -10.21 -18.29
C GLN B 203 18.57 -11.11 -18.94
N LYS B 204 17.56 -10.52 -19.60
CA LYS B 204 16.55 -11.35 -20.26
C LYS B 204 17.07 -11.96 -21.55
N ASN B 205 17.95 -11.26 -22.27
CA ASN B 205 18.68 -11.84 -23.40
C ASN B 205 19.38 -13.12 -22.95
N PHE B 206 20.09 -13.04 -21.83
CA PHE B 206 20.77 -14.21 -21.30
C PHE B 206 19.78 -15.30 -20.92
N ILE B 207 18.71 -14.95 -20.19
CA ILE B 207 17.77 -15.96 -19.73
C ILE B 207 17.15 -16.69 -20.93
N ASN B 208 16.83 -15.94 -21.99
CA ASN B 208 16.31 -16.56 -23.20
C ASN B 208 17.33 -17.52 -23.81
N TYR B 209 18.59 -17.07 -23.93
CA TYR B 209 19.62 -17.96 -24.46
C TYR B 209 19.73 -19.24 -23.63
N TYR B 210 19.67 -19.10 -22.30
CA TYR B 210 19.81 -20.24 -21.40
C TYR B 210 18.63 -21.20 -21.53
N LYS B 211 17.40 -20.68 -21.61
CA LYS B 211 16.26 -21.58 -21.75
C LYS B 211 16.29 -22.30 -23.10
N ALA B 212 16.75 -21.61 -24.15
CA ALA B 212 16.96 -22.29 -25.43
C ALA B 212 17.99 -23.41 -25.29
N GLN B 213 19.09 -23.16 -24.60
CA GLN B 213 20.12 -24.18 -24.45
C GLN B 213 19.62 -25.36 -23.62
N ARG B 214 19.02 -25.10 -22.47
CA ARG B 214 18.55 -26.19 -21.62
C ARG B 214 17.44 -26.98 -22.31
N GLU B 215 16.71 -26.35 -23.22
CA GLU B 215 15.71 -27.08 -23.99
C GLU B 215 16.36 -27.94 -25.07
N GLU B 216 17.35 -27.39 -25.79
CA GLU B 216 17.97 -28.15 -26.87
C GLU B 216 18.83 -29.30 -26.33
N ASN B 217 19.69 -29.04 -25.35
CA ASN B 217 20.61 -30.04 -24.80
C ASN B 217 20.54 -30.01 -23.28
N PRO B 218 19.62 -30.79 -22.69
CA PRO B 218 19.48 -30.81 -21.23
C PRO B 218 20.70 -31.35 -20.49
N GLU B 219 21.68 -31.93 -21.18
CA GLU B 219 22.91 -32.34 -20.49
C GLU B 219 23.63 -31.14 -19.90
N LEU B 220 23.54 -29.99 -20.57
CA LEU B 220 24.35 -28.83 -20.20
C LEU B 220 24.07 -28.37 -18.78
N ILE B 221 25.12 -27.90 -18.11
CA ILE B 221 25.00 -27.32 -16.80
C ILE B 221 25.10 -25.80 -16.93
N ILE B 222 24.81 -25.11 -15.83
CA ILE B 222 24.81 -23.65 -15.82
C ILE B 222 26.15 -23.09 -16.32
N ASP B 223 27.26 -23.72 -15.93
CA ASP B 223 28.57 -23.14 -16.25
C ASP B 223 28.93 -23.29 -17.72
N ASP B 224 28.45 -24.33 -18.40
CA ASP B 224 28.69 -24.42 -19.85
C ASP B 224 28.03 -23.26 -20.58
N ILE B 225 26.74 -23.06 -20.29
CA ILE B 225 25.95 -22.02 -20.95
C ILE B 225 26.50 -20.65 -20.62
N VAL B 226 26.93 -20.45 -19.37
CA VAL B 226 27.50 -19.16 -19.00
C VAL B 226 28.83 -18.93 -19.69
N LYS B 227 29.67 -19.97 -19.76
CA LYS B 227 30.98 -19.77 -20.37
C LYS B 227 30.83 -19.44 -21.85
N THR B 228 30.04 -20.22 -22.58
CA THR B 228 29.87 -19.92 -24.01
C THR B 228 29.17 -18.59 -24.21
N TYR B 229 28.26 -18.22 -23.30
CA TYR B 229 27.60 -16.92 -23.40
C TYR B 229 28.62 -15.79 -23.28
N LEU B 230 29.48 -15.84 -22.27
CA LEU B 230 30.49 -14.81 -22.11
C LEU B 230 31.45 -14.77 -23.29
N SER B 231 31.81 -15.94 -23.84
CA SER B 231 32.69 -15.96 -24.99
C SER B 231 32.04 -15.25 -26.17
N ASN B 232 30.80 -15.62 -26.49
CA ASN B 232 30.13 -15.07 -27.66
C ASN B 232 29.83 -13.58 -27.50
N GLU B 233 29.28 -13.19 -26.35
CA GLU B 233 28.74 -11.85 -26.19
C GLU B 233 29.69 -10.84 -25.57
N TYR B 234 30.77 -11.30 -24.90
CA TYR B 234 31.66 -10.37 -24.21
C TYR B 234 33.13 -10.68 -24.47
N SER B 235 33.44 -11.44 -25.53
CA SER B 235 34.83 -11.68 -25.96
C SER B 235 35.71 -12.21 -24.84
N LYS B 236 35.12 -12.99 -23.92
CA LYS B 236 35.94 -13.62 -22.90
C LYS B 236 36.54 -14.93 -23.42
N GLU B 237 37.60 -15.38 -22.79
CA GLU B 237 38.36 -16.55 -23.23
C GLU B 237 37.92 -17.78 -22.45
N ILE B 238 37.46 -18.80 -23.18
CA ILE B 238 36.95 -20.00 -22.54
C ILE B 238 38.02 -20.65 -21.66
N ASP B 239 39.28 -20.61 -22.10
CA ASP B 239 40.33 -21.29 -21.34
C ASP B 239 40.46 -20.70 -19.93
N GLU B 240 40.43 -19.37 -19.84
CA GLU B 240 40.56 -18.73 -18.54
C GLU B 240 39.40 -19.10 -17.63
N LEU B 241 38.19 -19.21 -18.20
CA LEU B 241 37.03 -19.57 -17.41
C LEU B 241 37.12 -21.01 -16.92
N ASN B 242 37.62 -21.92 -17.77
CA ASN B 242 37.82 -23.29 -17.32
C ASN B 242 38.84 -23.33 -16.20
N THR B 243 39.89 -22.52 -16.30
CA THR B 243 40.86 -22.47 -15.22
C THR B 243 40.18 -22.01 -13.93
N TYR B 244 39.41 -20.92 -14.01
CA TYR B 244 38.76 -20.39 -12.82
C TYR B 244 37.83 -21.42 -12.19
N ILE B 245 37.05 -22.13 -13.02
CA ILE B 245 36.19 -23.21 -12.50
C ILE B 245 37.04 -24.25 -11.77
N GLU B 246 38.15 -24.66 -12.38
CA GLU B 246 39.00 -25.67 -11.77
C GLU B 246 39.52 -25.22 -10.41
N GLU B 247 40.08 -24.01 -10.37
CA GLU B 247 40.64 -23.44 -9.14
C GLU B 247 39.60 -23.25 -8.04
N SER B 248 38.44 -22.73 -8.41
CA SER B 248 37.35 -22.55 -7.45
C SER B 248 36.91 -23.90 -6.89
N LEU B 249 36.68 -24.87 -7.77
CA LEU B 249 36.33 -26.22 -7.34
C LEU B 249 37.36 -26.79 -6.38
N ASN B 250 38.65 -26.69 -6.73
CA ASN B 250 39.70 -27.22 -5.86
C ASN B 250 39.69 -26.52 -4.50
N LYS B 251 39.65 -25.19 -4.51
CA LYS B 251 39.75 -24.46 -3.25
C LYS B 251 38.59 -24.81 -2.35
N ILE B 252 37.38 -24.94 -2.91
CA ILE B 252 36.23 -25.24 -2.07
C ILE B 252 36.28 -26.68 -1.58
N THR B 253 36.75 -27.62 -2.41
CA THR B 253 36.86 -29.01 -1.93
C THR B 253 37.89 -29.14 -0.80
N GLN B 254 38.99 -28.40 -0.87
CA GLN B 254 39.94 -28.43 0.23
C GLN B 254 39.41 -27.80 1.50
N ASN B 255 38.37 -26.96 1.42
CA ASN B 255 37.79 -26.37 2.62
C ASN B 255 36.37 -26.82 2.93
N SER B 256 36.14 -28.11 3.17
CA SER B 256 34.85 -28.58 3.66
C SER B 256 33.73 -28.36 2.66
N GLY B 257 34.06 -28.28 1.36
CA GLY B 257 33.05 -28.08 0.34
C GLY B 257 31.97 -29.14 0.34
N ASN B 258 30.72 -28.72 0.24
CA ASN B 258 29.60 -29.64 0.10
C ASN B 258 28.78 -29.20 -1.10
N ASP B 259 28.80 -29.99 -2.15
CA ASP B 259 28.13 -29.60 -3.39
C ASP B 259 26.62 -29.64 -3.19
N VAL B 260 25.97 -28.55 -3.59
CA VAL B 260 24.53 -28.46 -3.46
C VAL B 260 23.85 -29.42 -4.41
N ARG B 261 24.52 -29.82 -5.49
CA ARG B 261 23.94 -30.78 -6.43
C ARG B 261 23.93 -32.20 -5.88
N ASN B 262 24.57 -32.47 -4.74
CA ASN B 262 24.41 -33.75 -4.05
C ASN B 262 23.38 -33.65 -2.93
N PHE B 263 22.70 -32.51 -2.82
CA PHE B 263 21.66 -32.29 -1.82
C PHE B 263 20.32 -32.66 -2.45
N GLU B 264 20.02 -33.97 -2.42
CA GLU B 264 18.90 -34.48 -3.21
C GLU B 264 17.56 -33.97 -2.69
N GLU B 265 17.38 -33.95 -1.35
CA GLU B 265 16.15 -33.44 -0.77
C GLU B 265 15.87 -32.00 -1.23
N PHE B 266 16.93 -31.21 -1.37
CA PHE B 266 16.81 -29.84 -1.85
C PHE B 266 16.46 -29.80 -3.33
N LYS B 267 17.18 -30.58 -4.14
CA LYS B 267 16.94 -30.61 -5.58
C LYS B 267 15.52 -31.05 -5.90
N ASN B 268 14.91 -31.87 -5.04
CA ASN B 268 13.55 -32.39 -5.26
C ASN B 268 12.48 -31.63 -4.50
N GLY B 269 12.86 -30.69 -3.65
CA GLY B 269 11.87 -29.92 -2.93
C GLY B 269 11.32 -28.77 -3.74
N GLU B 270 10.30 -28.13 -3.19
CA GLU B 270 9.61 -27.06 -3.90
C GLU B 270 10.28 -25.69 -3.68
N SER B 271 11.51 -25.69 -3.18
CA SER B 271 12.32 -24.48 -3.12
C SER B 271 13.47 -24.49 -4.09
N PHE B 272 13.74 -25.62 -4.75
CA PHE B 272 14.89 -25.65 -5.64
C PHE B 272 14.71 -24.72 -6.83
N ASN B 273 13.50 -24.66 -7.36
CA ASN B 273 13.20 -23.83 -8.51
C ASN B 273 13.46 -22.37 -8.13
N LEU B 274 13.08 -22.01 -6.91
CA LEU B 274 13.27 -20.64 -6.43
C LEU B 274 14.75 -20.32 -6.29
N TYR B 275 15.49 -21.25 -5.67
CA TYR B 275 16.95 -21.15 -5.62
C TYR B 275 17.52 -20.87 -6.99
N GLU B 276 17.12 -21.63 -8.02
CA GLU B 276 17.68 -21.40 -9.34
C GLU B 276 17.15 -20.11 -9.96
N GLN B 277 15.97 -19.67 -9.53
CA GLN B 277 15.47 -18.38 -9.98
C GLN B 277 16.41 -17.25 -9.53
N GLU B 278 16.80 -17.26 -8.26
CA GLU B 278 17.75 -16.25 -7.82
C GLU B 278 19.13 -16.50 -8.42
N LEU B 279 19.51 -17.78 -8.60
CA LEU B 279 20.88 -18.07 -9.00
C LEU B 279 21.12 -17.71 -10.45
N VAL B 280 20.26 -18.20 -11.36
CA VAL B 280 20.56 -18.07 -12.78
C VAL B 280 19.73 -16.99 -13.45
N GLU B 281 18.55 -16.68 -12.91
CA GLU B 281 17.77 -15.62 -13.54
C GLU B 281 18.10 -14.22 -12.98
N ARG B 282 18.16 -14.08 -11.66
CA ARG B 282 18.38 -12.78 -11.01
C ARG B 282 19.83 -12.53 -10.59
N TRP B 283 20.69 -13.55 -10.57
CA TRP B 283 22.09 -13.40 -10.16
C TRP B 283 22.24 -12.83 -8.75
N ASN B 284 21.28 -13.14 -7.89
CA ASN B 284 21.26 -12.67 -6.50
C ASN B 284 21.70 -13.84 -5.62
N LEU B 285 23.02 -13.94 -5.39
CA LEU B 285 23.55 -15.02 -4.57
C LEU B 285 23.14 -14.89 -3.11
N ALA B 286 22.86 -13.66 -2.66
CA ALA B 286 22.38 -13.49 -1.29
C ALA B 286 21.03 -14.17 -1.13
N ALA B 287 20.14 -13.95 -2.09
CA ALA B 287 18.82 -14.57 -2.07
C ALA B 287 18.93 -16.08 -2.13
N ALA B 288 19.75 -16.59 -3.05
CA ALA B 288 19.92 -18.05 -3.15
C ALA B 288 20.44 -18.62 -1.85
N SER B 289 21.34 -17.90 -1.18
CA SER B 289 21.83 -18.32 0.13
C SER B 289 20.72 -18.31 1.17
N ASP B 290 19.85 -17.29 1.14
CA ASP B 290 18.66 -17.29 1.99
C ASP B 290 17.85 -18.56 1.79
N ILE B 291 17.53 -18.87 0.54
CA ILE B 291 16.77 -20.09 0.25
C ILE B 291 17.47 -21.30 0.82
N LEU B 292 18.77 -21.40 0.58
CA LEU B 292 19.47 -22.65 0.81
C LEU B 292 19.76 -22.89 2.29
N ARG B 293 20.20 -21.85 3.01
CA ARG B 293 20.65 -22.08 4.37
C ARG B 293 19.54 -22.69 5.21
N ILE B 294 18.30 -22.28 4.96
CA ILE B 294 17.21 -22.75 5.79
C ILE B 294 16.80 -24.18 5.42
N SER B 295 16.91 -24.56 4.15
CA SER B 295 16.65 -25.94 3.76
C SER B 295 17.72 -26.87 4.32
N ALA B 296 19.00 -26.47 4.22
CA ALA B 296 20.04 -27.25 4.86
C ALA B 296 19.75 -27.41 6.34
N LEU B 297 19.48 -26.30 7.04
CA LEU B 297 19.19 -26.37 8.46
C LEU B 297 18.03 -27.31 8.76
N LYS B 298 16.98 -27.27 7.94
CA LYS B 298 15.82 -28.13 8.19
C LYS B 298 16.14 -29.60 7.94
N GLU B 299 16.93 -29.89 6.91
CA GLU B 299 17.14 -31.27 6.49
C GLU B 299 18.26 -31.97 7.26
N ILE B 300 19.20 -31.22 7.85
CA ILE B 300 20.38 -31.81 8.47
C ILE B 300 20.48 -31.44 9.95
N GLY B 301 19.96 -30.27 10.30
CA GLY B 301 20.11 -29.76 11.65
C GLY B 301 21.50 -29.18 11.89
N GLY B 302 21.60 -28.39 12.96
CA GLY B 302 22.87 -27.80 13.36
C GLY B 302 22.82 -26.31 13.57
N MET B 303 23.91 -25.63 13.18
CA MET B 303 24.04 -24.19 13.29
C MET B 303 24.54 -23.64 11.95
N TYR B 304 23.81 -22.68 11.38
CA TYR B 304 24.23 -21.95 10.19
C TYR B 304 24.87 -20.63 10.57
N LEU B 305 25.90 -20.24 9.82
CA LEU B 305 26.60 -18.98 10.02
C LEU B 305 26.94 -18.35 8.67
N ASP B 306 26.91 -17.01 8.65
CA ASP B 306 27.60 -16.26 7.60
C ASP B 306 29.11 -16.38 7.79
N VAL B 307 29.84 -16.29 6.69
CA VAL B 307 31.30 -16.50 6.75
C VAL B 307 32.02 -15.32 7.39
N ASP B 308 31.28 -14.28 7.78
CA ASP B 308 31.85 -13.13 8.46
C ASP B 308 31.53 -13.08 9.94
N MET B 309 31.02 -14.17 10.51
CA MET B 309 30.82 -14.30 11.94
C MET B 309 31.97 -15.11 12.54
N LEU B 310 32.32 -14.79 13.78
CA LEU B 310 33.37 -15.49 14.50
C LEU B 310 32.86 -16.09 15.79
N PRO B 311 33.57 -17.07 16.35
CA PRO B 311 33.12 -17.70 17.60
C PRO B 311 32.99 -16.69 18.72
N GLY B 312 32.18 -17.06 19.70
CA GLY B 312 32.01 -16.22 20.87
C GLY B 312 33.30 -16.12 21.67
N ILE B 313 33.56 -14.93 22.20
CA ILE B 313 34.67 -14.76 23.13
C ILE B 313 34.37 -15.44 24.45
N GLN B 314 35.37 -16.09 25.02
CA GLN B 314 35.22 -16.66 26.35
C GLN B 314 34.77 -15.55 27.29
N PRO B 315 33.67 -15.72 28.04
CA PRO B 315 33.13 -14.60 28.81
C PRO B 315 34.13 -13.98 29.77
N ASP B 316 34.85 -14.80 30.55
CA ASP B 316 35.77 -14.34 31.57
C ASP B 316 37.09 -13.83 31.00
N LEU B 317 37.31 -13.97 29.69
CA LEU B 317 38.63 -13.64 29.14
C LEU B 317 39.03 -12.21 29.44
N PHE B 318 38.09 -11.27 29.41
CA PHE B 318 38.39 -9.85 29.61
C PHE B 318 37.61 -9.25 30.78
N GLU B 319 37.15 -10.07 31.71
CA GLU B 319 36.37 -9.56 32.82
C GLU B 319 37.17 -8.54 33.65
N SER B 320 38.50 -8.69 33.68
CA SER B 320 39.37 -7.81 34.45
C SER B 320 39.56 -6.43 33.82
N ILE B 321 38.99 -6.19 32.65
CA ILE B 321 39.15 -4.92 31.94
C ILE B 321 37.77 -4.31 31.82
N GLU B 322 37.51 -3.26 32.60
CA GLU B 322 36.21 -2.61 32.54
C GLU B 322 36.10 -1.77 31.27
N LYS B 323 34.93 -1.82 30.62
CA LYS B 323 34.74 -1.05 29.42
C LYS B 323 34.74 0.44 29.75
N PRO B 324 35.45 1.24 28.94
CA PRO B 324 35.60 2.68 29.10
C PRO B 324 34.29 3.45 28.95
N SER B 325 34.17 4.55 29.69
CA SER B 325 32.98 5.38 29.67
C SER B 325 32.77 6.06 28.31
N SER B 326 31.51 6.24 27.94
CA SER B 326 31.09 6.87 26.68
C SER B 326 31.63 6.19 25.41
N VAL B 327 31.69 4.87 25.43
CA VAL B 327 32.14 4.11 24.26
C VAL B 327 31.04 3.14 23.84
N THR B 328 30.73 3.12 22.54
CA THR B 328 29.68 2.27 22.02
C THR B 328 29.95 0.78 22.19
N VAL B 329 28.90 0.04 22.52
CA VAL B 329 28.96 -1.40 22.70
C VAL B 329 29.71 -2.00 21.52
N ASP B 330 29.36 -1.56 20.31
CA ASP B 330 29.99 -2.02 19.08
C ASP B 330 31.49 -1.71 19.05
N PHE B 331 31.87 -0.45 19.36
CA PHE B 331 33.30 -0.15 19.42
C PHE B 331 34.02 -1.09 20.38
N TRP B 332 33.45 -1.34 21.55
CA TRP B 332 34.16 -2.16 22.51
C TRP B 332 34.29 -3.59 22.00
N GLU B 333 33.24 -4.18 21.44
CA GLU B 333 33.36 -5.54 20.93
C GLU B 333 34.40 -5.61 19.82
N MET B 334 34.31 -4.69 18.84
CA MET B 334 35.30 -4.65 17.78
C MET B 334 36.70 -4.54 18.36
N THR B 335 36.86 -3.75 19.42
CA THR B 335 38.17 -3.64 20.06
C THR B 335 38.61 -4.99 20.60
N LYS B 336 37.73 -5.68 21.33
CA LYS B 336 38.10 -7.01 21.81
C LYS B 336 38.66 -7.85 20.67
N LEU B 337 37.90 -7.96 19.58
CA LEU B 337 38.35 -8.80 18.48
C LEU B 337 39.69 -8.30 17.92
N GLU B 338 39.84 -6.98 17.76
CA GLU B 338 41.07 -6.48 17.15
C GLU B 338 42.29 -6.72 18.03
N ALA B 339 42.16 -6.61 19.36
CA ALA B 339 43.30 -6.96 20.20
C ALA B 339 43.64 -8.42 20.03
N ILE B 340 42.63 -9.29 20.13
CA ILE B 340 42.90 -10.73 19.92
C ILE B 340 43.67 -10.93 18.61
N MET B 341 43.25 -10.24 17.55
CA MET B 341 43.87 -10.41 16.24
C MET B 341 45.27 -9.82 16.16
N LYS B 342 45.53 -8.77 16.93
CA LYS B 342 46.81 -8.06 16.90
C LYS B 342 47.90 -8.84 17.64
N TYR B 343 47.61 -9.32 18.86
CA TYR B 343 48.62 -9.97 19.65
C TYR B 343 48.66 -11.48 19.44
N LYS B 344 47.75 -12.02 18.65
CA LYS B 344 47.78 -13.45 18.30
C LYS B 344 47.82 -13.72 16.81
N GLU B 345 47.35 -12.81 15.95
CA GLU B 345 47.51 -12.94 14.50
C GLU B 345 46.86 -14.21 13.93
N TYR B 346 45.74 -14.66 14.54
CA TYR B 346 45.01 -15.81 14.00
C TYR B 346 44.54 -15.56 12.58
N ILE B 347 44.21 -14.32 12.26
CA ILE B 347 43.78 -13.91 10.93
C ILE B 347 44.72 -12.82 10.46
N PRO B 348 45.44 -13.00 9.35
CA PRO B 348 46.36 -11.98 8.89
C PRO B 348 45.61 -10.76 8.37
N GLU B 349 46.18 -9.59 8.65
CA GLU B 349 45.74 -8.27 8.17
C GLU B 349 44.44 -7.83 8.83
N TYR B 350 44.05 -8.46 9.93
CA TYR B 350 42.90 -7.93 10.67
C TYR B 350 43.22 -6.51 11.08
N THR B 351 42.19 -5.67 11.08
CA THR B 351 42.40 -4.25 11.29
C THR B 351 42.56 -3.92 12.77
N SER B 352 43.25 -2.80 13.00
CA SER B 352 43.37 -2.20 14.32
C SER B 352 42.81 -0.78 14.27
N GLU B 353 41.93 -0.56 13.30
CA GLU B 353 41.33 0.74 13.04
C GLU B 353 40.80 1.37 14.33
N HIS B 354 40.10 0.58 15.14
CA HIS B 354 39.48 1.09 16.36
C HIS B 354 40.46 1.15 17.53
N PHE B 355 41.27 0.11 17.70
CA PHE B 355 42.19 0.07 18.83
C PHE B 355 43.16 1.24 18.85
N ASP B 356 43.66 1.66 17.67
CA ASP B 356 44.67 2.72 17.61
C ASP B 356 44.15 4.00 18.25
N MET B 357 42.85 4.10 18.39
CA MET B 357 42.20 5.24 19.00
C MET B 357 42.20 5.16 20.51
N LEU B 358 42.58 4.02 21.10
CA LEU B 358 42.75 3.93 22.55
C LEU B 358 44.03 4.58 23.05
N ASP B 359 43.92 5.28 24.19
CA ASP B 359 45.10 5.82 24.86
C ASP B 359 46.02 4.71 25.34
N GLU B 360 47.31 5.04 25.37
CA GLU B 360 48.36 4.04 25.48
C GLU B 360 48.14 3.04 26.62
N GLU B 361 47.46 3.47 27.68
CA GLU B 361 47.39 2.64 28.89
C GLU B 361 46.72 1.29 28.60
N VAL B 362 45.55 1.34 27.95
CA VAL B 362 44.67 0.18 27.83
C VAL B 362 45.31 -0.95 27.01
N GLN B 363 46.06 -0.60 25.97
CA GLN B 363 46.63 -1.62 25.12
C GLN B 363 47.44 -2.62 25.92
N SER B 364 48.35 -2.13 26.75
CA SER B 364 49.18 -3.06 27.52
C SER B 364 48.32 -3.91 28.46
N SER B 365 47.22 -3.37 28.96
CA SER B 365 46.30 -4.21 29.72
C SER B 365 45.83 -5.39 28.86
N PHE B 366 45.47 -5.11 27.61
CA PHE B 366 45.08 -6.18 26.69
C PHE B 366 46.25 -7.15 26.44
N GLU B 367 47.43 -6.62 26.13
CA GLU B 367 48.57 -7.46 25.81
C GLU B 367 48.95 -8.37 26.98
N SER B 368 48.81 -7.86 28.20
CA SER B 368 49.11 -8.67 29.38
C SER B 368 48.05 -9.75 29.60
N VAL B 369 46.78 -9.40 29.42
CA VAL B 369 45.74 -10.42 29.54
C VAL B 369 45.97 -11.53 28.51
N LEU B 370 46.38 -11.16 27.30
CA LEU B 370 46.47 -12.14 26.21
C LEU B 370 47.76 -12.95 26.26
N ALA B 371 48.86 -12.34 26.71
CA ALA B 371 50.06 -13.11 26.97
C ALA B 371 49.83 -14.09 28.10
N SER B 372 48.85 -13.81 28.96
CA SER B 372 48.51 -14.73 30.03
C SER B 372 48.03 -16.07 29.49
N LYS B 373 47.42 -16.07 28.31
CA LYS B 373 46.76 -17.24 27.76
C LYS B 373 47.63 -17.92 26.71
N SER B 374 47.52 -19.24 26.64
CA SER B 374 48.44 -20.08 25.88
C SER B 374 47.83 -20.69 24.63
N ASP B 375 46.65 -21.30 24.74
CA ASP B 375 46.02 -21.97 23.62
C ASP B 375 44.78 -21.21 23.16
N LYS B 376 44.38 -21.45 21.90
CA LYS B 376 43.25 -20.72 21.35
C LYS B 376 41.97 -20.97 22.14
N SER B 377 41.79 -22.20 22.63
CA SER B 377 40.61 -22.52 23.43
C SER B 377 40.49 -21.67 24.69
N GLU B 378 41.52 -20.89 25.03
CA GLU B 378 41.47 -19.93 26.12
C GLU B 378 41.01 -18.55 25.66
N ILE B 379 40.76 -18.38 24.36
CA ILE B 379 40.29 -17.11 23.80
C ILE B 379 38.84 -17.22 23.32
N PHE B 380 38.57 -18.17 22.43
CA PHE B 380 37.23 -18.38 21.89
C PHE B 380 36.54 -19.54 22.61
N SER B 381 35.26 -19.35 22.96
CA SER B 381 34.54 -20.47 23.56
C SER B 381 34.06 -21.41 22.46
N SER B 382 33.66 -22.61 22.88
CA SER B 382 33.20 -23.65 21.98
C SER B 382 31.69 -23.82 22.07
N LEU B 383 31.09 -24.24 20.95
CA LEU B 383 29.65 -24.44 20.92
C LEU B 383 29.22 -25.50 21.91
N GLY B 384 29.94 -26.63 21.95
CA GLY B 384 29.66 -27.69 22.90
C GLY B 384 28.47 -28.58 22.55
N ASP B 385 27.72 -28.98 23.58
CA ASP B 385 26.50 -29.76 23.41
C ASP B 385 25.32 -28.80 23.54
N MET B 386 24.81 -28.33 22.41
CA MET B 386 23.69 -27.41 22.41
C MET B 386 22.39 -28.15 22.21
N GLU B 387 21.33 -27.61 22.82
CA GLU B 387 20.02 -28.21 22.71
C GLU B 387 18.99 -27.12 22.50
N ALA B 388 17.93 -27.46 21.77
CA ALA B 388 16.91 -26.48 21.45
C ALA B 388 15.56 -27.20 21.38
N SER B 389 14.50 -26.41 21.32
CA SER B 389 13.15 -26.96 21.21
C SER B 389 12.91 -27.47 19.79
N PRO B 390 12.24 -28.62 19.64
CA PRO B 390 11.89 -29.09 18.29
C PRO B 390 10.90 -28.19 17.57
N LEU B 391 10.34 -27.21 18.26
CA LEU B 391 9.42 -26.25 17.66
C LEU B 391 10.12 -25.07 17.01
N GLU B 392 11.34 -24.75 17.45
CA GLU B 392 11.96 -23.47 17.20
C GLU B 392 13.19 -23.60 16.32
N VAL B 393 13.52 -22.48 15.69
CA VAL B 393 14.86 -22.19 15.21
C VAL B 393 15.25 -20.85 15.82
N LYS B 394 16.52 -20.69 16.18
CA LYS B 394 16.99 -19.51 16.87
C LYS B 394 17.76 -18.64 15.89
N ILE B 395 17.70 -17.33 16.12
CA ILE B 395 18.20 -16.37 15.16
C ILE B 395 19.02 -15.32 15.90
N ALA B 396 19.94 -14.66 15.18
CA ALA B 396 20.77 -13.71 15.89
C ALA B 396 20.07 -12.36 15.96
N PHE B 397 20.60 -11.46 16.79
CA PHE B 397 20.03 -10.12 16.95
C PHE B 397 21.11 -9.07 16.78
N ASN B 398 20.76 -7.96 16.14
CA ASN B 398 21.57 -6.75 16.17
C ASN B 398 20.68 -5.57 16.57
N SER B 399 21.24 -4.36 16.57
CA SER B 399 20.47 -3.21 17.05
C SER B 399 19.19 -3.02 16.26
N LYS B 400 19.12 -3.49 15.03
CA LYS B 400 17.95 -3.32 14.18
C LYS B 400 16.99 -4.49 14.25
N GLY B 401 17.22 -5.45 15.13
CA GLY B 401 16.32 -6.57 15.31
C GLY B 401 16.96 -7.88 14.90
N ILE B 402 16.10 -8.87 14.65
CA ILE B 402 16.60 -10.19 14.29
C ILE B 402 17.33 -10.11 12.95
N ILE B 403 18.34 -10.96 12.81
CA ILE B 403 19.14 -11.09 11.59
C ILE B 403 19.61 -12.54 11.50
N ASN B 404 19.50 -13.11 10.29
CA ASN B 404 19.77 -14.53 10.05
C ASN B 404 21.19 -14.79 9.62
N GLN B 405 22.17 -14.08 10.18
CA GLN B 405 23.57 -14.43 10.00
C GLN B 405 23.98 -15.63 10.84
N GLY B 406 23.16 -16.01 11.81
CA GLY B 406 23.38 -17.18 12.63
C GLY B 406 22.07 -17.81 13.06
N LEU B 407 21.99 -19.13 12.91
CA LEU B 407 20.78 -19.86 13.21
C LEU B 407 21.13 -21.17 13.88
N ILE B 408 20.27 -21.60 14.79
CA ILE B 408 20.43 -22.86 15.50
C ILE B 408 19.12 -23.62 15.40
N SER B 409 19.19 -24.88 15.03
CA SER B 409 17.95 -25.62 14.93
C SER B 409 18.23 -27.11 14.96
N VAL B 410 17.40 -27.83 15.70
CA VAL B 410 17.38 -29.28 15.59
C VAL B 410 16.85 -29.66 14.21
N LYS B 411 17.24 -30.84 13.75
CA LYS B 411 16.82 -31.28 12.43
C LYS B 411 15.30 -31.39 12.36
N ASP B 412 14.74 -30.92 11.26
CA ASP B 412 13.31 -31.00 10.98
C ASP B 412 12.46 -30.30 12.04
N SER B 413 12.99 -29.26 12.68
CA SER B 413 12.21 -28.51 13.66
C SER B 413 10.96 -27.93 13.01
N TYR B 414 9.97 -27.62 13.85
CA TYR B 414 8.71 -27.10 13.33
C TYR B 414 8.90 -25.72 12.70
N CYS B 415 9.58 -24.81 13.40
CA CYS B 415 9.77 -23.47 12.85
C CYS B 415 10.52 -23.51 11.53
N SER B 416 11.48 -24.42 11.37
CA SER B 416 12.19 -24.50 10.10
C SER B 416 11.23 -24.81 8.96
N ASN B 417 10.26 -25.69 9.21
CA ASN B 417 9.24 -25.95 8.19
C ASN B 417 8.38 -24.72 7.98
N LEU B 418 8.05 -24.00 9.06
CA LEU B 418 7.28 -22.77 8.88
C LEU B 418 8.05 -21.75 8.04
N ILE B 419 9.38 -21.71 8.16
CA ILE B 419 10.15 -20.74 7.41
C ILE B 419 10.23 -21.15 5.95
N VAL B 420 10.46 -22.44 5.68
CA VAL B 420 10.42 -22.90 4.30
C VAL B 420 9.06 -22.56 3.68
N LYS B 421 7.98 -22.78 4.43
CA LYS B 421 6.68 -22.47 3.87
C LYS B 421 6.52 -20.97 3.63
N GLN B 422 6.88 -20.14 4.62
CA GLN B 422 6.76 -18.70 4.46
C GLN B 422 7.44 -18.25 3.17
N ILE B 423 8.70 -18.67 2.98
CA ILE B 423 9.47 -18.25 1.79
C ILE B 423 8.83 -18.77 0.51
N GLU B 424 8.37 -20.04 0.51
CA GLU B 424 7.81 -20.60 -0.71
C GLU B 424 6.50 -19.91 -1.08
N ASN B 425 5.75 -19.46 -0.07
CA ASN B 425 4.50 -18.75 -0.27
C ASN B 425 4.72 -17.31 -0.72
N ARG B 426 5.68 -16.61 -0.10
CA ARG B 426 5.94 -15.25 -0.57
C ARG B 426 6.46 -15.28 -1.99
N TYR B 427 7.29 -16.28 -2.33
CA TYR B 427 7.67 -16.44 -3.72
C TYR B 427 6.46 -16.85 -4.57
N LYS B 428 5.49 -17.56 -3.99
CA LYS B 428 4.29 -17.86 -4.77
C LYS B 428 3.59 -16.56 -5.18
N ILE B 429 3.40 -15.64 -4.22
CA ILE B 429 2.80 -14.36 -4.52
C ILE B 429 3.63 -13.60 -5.54
N LEU B 430 4.94 -13.53 -5.32
CA LEU B 430 5.81 -12.76 -6.20
C LEU B 430 5.68 -13.27 -7.63
N ASN B 431 5.77 -14.58 -7.81
CA ASN B 431 5.77 -15.12 -9.16
C ASN B 431 4.39 -15.05 -9.79
N ASN B 432 3.33 -15.07 -8.98
CA ASN B 432 2.01 -15.03 -9.57
C ASN B 432 1.80 -13.74 -10.36
N SER B 433 2.39 -12.63 -9.91
CA SER B 433 2.35 -11.41 -10.71
C SER B 433 3.54 -11.26 -11.65
N LEU B 434 4.72 -11.76 -11.28
CA LEU B 434 5.91 -11.46 -12.07
C LEU B 434 5.98 -12.30 -13.34
N ASN B 435 5.75 -13.61 -13.22
CA ASN B 435 5.85 -14.48 -14.37
C ASN B 435 4.93 -14.05 -15.51
N PRO B 436 3.67 -13.66 -15.27
CA PRO B 436 2.86 -13.13 -16.37
C PRO B 436 3.47 -11.92 -17.03
N ALA B 437 4.07 -11.02 -16.24
CA ALA B 437 4.66 -9.83 -16.83
C ALA B 437 5.89 -10.15 -17.67
N ILE B 438 6.80 -11.00 -17.17
CA ILE B 438 8.02 -11.22 -17.94
C ILE B 438 7.74 -12.10 -19.15
N SER B 439 6.71 -12.96 -19.08
CA SER B 439 6.42 -13.86 -20.18
C SER B 439 6.19 -13.08 -21.48
N GLU B 440 5.55 -11.93 -21.39
CA GLU B 440 5.52 -11.04 -22.55
C GLU B 440 6.89 -10.41 -22.73
N ASP B 441 7.54 -10.72 -23.85
CA ASP B 441 8.86 -10.17 -24.08
C ASP B 441 8.55 -8.69 -24.23
N ASN B 442 8.82 -7.91 -23.18
CA ASN B 442 8.78 -6.45 -23.23
C ASN B 442 9.97 -5.85 -22.50
N ASP B 443 10.21 -4.57 -22.76
CA ASP B 443 11.36 -3.89 -22.18
C ASP B 443 11.20 -3.77 -20.67
N PHE B 444 12.18 -3.14 -20.03
CA PHE B 444 12.18 -3.07 -18.58
C PHE B 444 10.99 -2.27 -18.05
N ASN B 445 10.65 -1.16 -18.70
CA ASN B 445 9.61 -0.28 -18.15
C ASN B 445 8.22 -0.90 -18.28
N THR B 446 7.86 -1.38 -19.47
CA THR B 446 6.55 -2.00 -19.58
C THR B 446 6.45 -3.23 -18.67
N THR B 447 7.53 -4.01 -18.58
CA THR B 447 7.52 -5.16 -17.67
C THR B 447 7.25 -4.71 -16.24
N THR B 448 7.98 -3.69 -15.78
CA THR B 448 7.72 -3.17 -14.45
C THR B 448 6.26 -2.74 -14.30
N ASN B 449 5.67 -2.17 -15.36
CA ASN B 449 4.31 -1.68 -15.20
C ASN B 449 3.33 -2.82 -15.06
N THR B 450 3.43 -3.82 -15.93
CA THR B 450 2.55 -4.97 -15.82
C THR B 450 2.69 -5.61 -14.44
N PHE B 451 3.94 -5.84 -14.02
CA PHE B 451 4.21 -6.45 -12.74
C PHE B 451 3.57 -5.66 -11.59
N ILE B 452 3.79 -4.34 -11.56
CA ILE B 452 3.27 -3.56 -10.44
C ILE B 452 1.75 -3.44 -10.51
N ASP B 453 1.17 -3.32 -11.71
CA ASP B 453 -0.28 -3.34 -11.79
C ASP B 453 -0.83 -4.59 -11.12
N SER B 454 -0.30 -5.76 -11.51
CA SER B 454 -0.75 -6.99 -10.88
C SER B 454 -0.55 -6.93 -9.37
N ILE B 455 0.64 -6.48 -8.93
CA ILE B 455 0.91 -6.38 -7.50
C ILE B 455 -0.15 -5.54 -6.81
N MET B 456 -0.24 -4.26 -7.17
CA MET B 456 -1.14 -3.36 -6.45
C MET B 456 -2.58 -3.88 -6.48
N ALA B 457 -2.99 -4.51 -7.59
CA ALA B 457 -4.32 -5.12 -7.62
C ALA B 457 -4.43 -6.18 -6.54
N GLU B 458 -3.36 -6.92 -6.26
CA GLU B 458 -3.47 -7.99 -5.28
C GLU B 458 -3.22 -7.52 -3.86
N ALA B 459 -2.98 -6.23 -3.63
CA ALA B 459 -2.66 -5.73 -2.30
C ALA B 459 -3.92 -5.53 -1.46
N ASN B 460 -3.73 -5.62 -0.14
CA ASN B 460 -4.80 -5.41 0.85
C ASN B 460 -4.14 -4.96 2.15
N ALA B 461 -4.95 -4.82 3.21
CA ALA B 461 -4.41 -4.32 4.47
C ALA B 461 -3.47 -5.32 5.14
N ASP B 462 -3.69 -6.61 4.92
CA ASP B 462 -2.91 -7.63 5.59
C ASP B 462 -1.52 -7.79 4.98
N ASN B 463 -1.36 -7.47 3.70
CA ASN B 463 -0.10 -7.70 3.01
C ASN B 463 0.45 -6.45 2.33
N GLY B 464 -0.12 -5.28 2.61
CA GLY B 464 0.22 -4.03 1.95
C GLY B 464 1.69 -3.73 1.93
N ARG B 465 2.28 -3.61 3.13
CA ARG B 465 3.70 -3.32 3.24
C ARG B 465 4.53 -4.29 2.39
N PHE B 466 4.30 -5.58 2.60
CA PHE B 466 5.04 -6.61 1.87
C PHE B 466 5.02 -6.38 0.36
N MET B 467 3.83 -6.12 -0.20
CA MET B 467 3.73 -5.91 -1.64
C MET B 467 4.45 -4.63 -2.05
N MET B 468 4.36 -3.58 -1.23
CA MET B 468 5.07 -2.35 -1.58
C MET B 468 6.54 -2.65 -1.75
N GLU B 469 7.07 -3.58 -0.95
CA GLU B 469 8.45 -4.00 -1.13
C GLU B 469 8.62 -4.86 -2.39
N LEU B 470 7.72 -5.81 -2.62
CA LEU B 470 7.83 -6.70 -3.78
C LEU B 470 7.95 -5.90 -5.08
N GLY B 471 7.35 -4.72 -5.13
CA GLY B 471 7.40 -3.96 -6.36
C GLY B 471 8.81 -3.78 -6.88
N LYS B 472 9.80 -3.70 -6.00
CA LYS B 472 11.14 -3.35 -6.38
C LYS B 472 11.98 -4.56 -6.77
N TYR B 473 11.34 -5.71 -7.01
CA TYR B 473 12.06 -6.98 -7.16
C TYR B 473 13.09 -6.94 -8.27
N LEU B 474 12.68 -6.58 -9.49
CA LEU B 474 13.61 -6.64 -10.62
C LEU B 474 14.79 -5.70 -10.45
N ARG B 475 14.75 -4.75 -9.52
CA ARG B 475 15.89 -3.86 -9.31
C ARG B 475 16.81 -4.34 -8.22
N VAL B 476 16.48 -5.45 -7.55
CA VAL B 476 17.28 -5.91 -6.43
C VAL B 476 18.72 -6.08 -6.87
N GLY B 477 19.63 -5.38 -6.17
CA GLY B 477 21.06 -5.47 -6.42
C GLY B 477 21.64 -4.48 -7.41
N PHE B 478 20.78 -3.74 -8.09
CA PHE B 478 21.23 -2.75 -9.08
C PHE B 478 20.64 -1.38 -8.78
N PHE B 479 19.70 -1.34 -7.84
CA PHE B 479 19.04 -0.10 -7.45
C PHE B 479 19.19 0.17 -5.96
N PRO B 480 19.37 1.43 -5.58
CA PRO B 480 19.52 1.84 -4.18
C PRO B 480 18.20 1.85 -3.43
N ASP B 481 18.25 1.65 -2.12
CA ASP B 481 17.05 1.65 -1.28
C ASP B 481 16.05 0.60 -1.76
N VAL B 482 16.54 -0.62 -1.97
CA VAL B 482 15.71 -1.77 -2.30
C VAL B 482 15.80 -2.75 -1.14
N LYS B 483 14.65 -3.14 -0.59
CA LYS B 483 14.63 -4.01 0.58
C LYS B 483 13.76 -5.23 0.32
N THR B 484 13.76 -5.70 -0.92
CA THR B 484 12.88 -6.81 -1.30
C THR B 484 13.36 -8.13 -0.70
N THR B 485 14.66 -8.41 -0.82
CA THR B 485 15.20 -9.67 -0.33
C THR B 485 14.89 -9.89 1.15
N ILE B 486 15.03 -8.84 1.96
CA ILE B 486 14.69 -8.94 3.37
C ILE B 486 13.29 -9.51 3.55
N ASN B 487 12.33 -9.00 2.77
CA ASN B 487 10.91 -9.35 2.95
C ASN B 487 10.54 -10.64 2.25
N LEU B 488 11.37 -11.08 1.32
CA LEU B 488 11.05 -12.24 0.48
C LEU B 488 11.70 -13.51 0.98
N SER B 489 12.99 -13.45 1.31
CA SER B 489 13.72 -14.61 1.80
C SER B 489 14.49 -14.36 3.09
N GLY B 490 14.54 -13.13 3.59
CA GLY B 490 15.33 -12.82 4.76
C GLY B 490 14.52 -12.76 6.04
N PRO B 491 14.93 -11.87 6.96
CA PRO B 491 14.38 -11.89 8.33
C PRO B 491 12.88 -11.74 8.40
N GLU B 492 12.25 -11.05 7.45
CA GLU B 492 10.81 -10.86 7.58
C GLU B 492 10.07 -12.18 7.48
N ALA B 493 10.58 -13.13 6.69
CA ALA B 493 9.98 -14.46 6.64
C ALA B 493 10.15 -15.19 7.97
N TYR B 494 11.25 -14.93 8.66
CA TYR B 494 11.46 -15.53 9.98
C TYR B 494 10.46 -14.97 10.99
N ALA B 495 10.36 -13.64 11.09
CA ALA B 495 9.35 -13.07 11.98
C ALA B 495 7.96 -13.58 11.64
N ALA B 496 7.65 -13.69 10.34
CA ALA B 496 6.37 -14.24 9.94
C ALA B 496 6.20 -15.69 10.42
N ALA B 497 7.28 -16.47 10.37
CA ALA B 497 7.21 -17.85 10.80
C ALA B 497 6.98 -17.94 12.31
N TYR B 498 7.72 -17.15 13.09
CA TYR B 498 7.50 -17.13 14.52
C TYR B 498 6.06 -16.74 14.85
N GLN B 499 5.57 -15.68 14.22
CA GLN B 499 4.19 -15.29 14.45
C GLN B 499 3.24 -16.43 14.09
N ASP B 500 3.52 -17.14 12.99
CA ASP B 500 2.73 -18.31 12.64
C ASP B 500 2.69 -19.31 13.79
N LEU B 501 3.84 -19.53 14.44
CA LEU B 501 3.89 -20.48 15.55
C LEU B 501 3.08 -19.98 16.73
N LEU B 502 3.26 -18.72 17.14
CA LEU B 502 2.58 -18.22 18.32
C LEU B 502 1.10 -17.86 18.08
N MET B 503 0.64 -17.85 16.83
CA MET B 503 -0.77 -17.62 16.54
C MET B 503 -1.47 -18.90 16.12
N PHE B 504 -0.77 -20.03 16.10
CA PHE B 504 -1.39 -21.29 15.72
C PHE B 504 -1.98 -21.20 14.31
N LYS B 505 -1.25 -20.56 13.40
CA LYS B 505 -1.68 -20.46 12.01
C LYS B 505 -0.47 -20.62 11.10
N GLU B 506 -0.72 -20.51 9.80
CA GLU B 506 0.32 -20.44 8.79
C GLU B 506 -0.05 -19.39 7.77
N GLY B 507 0.93 -18.63 7.31
CA GLY B 507 0.71 -17.62 6.29
C GLY B 507 0.69 -16.18 6.76
N SER B 508 1.20 -15.87 7.94
CA SER B 508 1.24 -14.50 8.42
C SER B 508 1.95 -13.60 7.42
N MET B 509 1.38 -12.41 7.18
CA MET B 509 1.96 -11.41 6.31
C MET B 509 2.16 -10.05 6.97
N ASN B 510 1.45 -9.74 8.05
CA ASN B 510 1.54 -8.42 8.69
C ASN B 510 1.93 -8.68 10.13
N ILE B 511 3.19 -8.42 10.47
CA ILE B 511 3.76 -8.85 11.74
C ILE B 511 3.42 -7.84 12.81
N HIS B 512 2.84 -8.32 13.91
CA HIS B 512 2.52 -7.48 15.06
C HIS B 512 3.35 -7.82 16.29
N LEU B 513 4.19 -8.85 16.22
CA LEU B 513 5.08 -9.18 17.33
C LEU B 513 6.05 -8.04 17.61
N ILE B 514 6.35 -7.83 18.89
CA ILE B 514 7.33 -6.82 19.28
C ILE B 514 8.63 -7.52 19.65
N GLU B 515 9.67 -6.73 19.95
CA GLU B 515 10.99 -7.31 20.22
C GLU B 515 10.94 -8.28 21.40
N ALA B 516 10.09 -8.02 22.38
CA ALA B 516 9.96 -8.94 23.51
C ALA B 516 9.47 -10.30 23.07
N ASP B 517 8.57 -10.33 22.08
CA ASP B 517 8.08 -11.60 21.57
C ASP B 517 9.19 -12.38 20.88
N LEU B 518 9.98 -11.70 20.05
CA LEU B 518 11.02 -12.36 19.27
C LEU B 518 12.20 -12.80 20.13
N ARG B 519 12.49 -12.06 21.20
CA ARG B 519 13.62 -12.42 22.05
C ARG B 519 13.49 -13.86 22.58
N ASN B 520 12.30 -14.44 22.54
CA ASN B 520 12.13 -15.85 22.88
C ASN B 520 12.86 -16.79 21.93
N PHE B 521 13.40 -16.29 20.82
CA PHE B 521 14.08 -17.12 19.82
C PHE B 521 15.53 -16.72 19.60
N GLU B 522 16.08 -15.87 20.45
CA GLU B 522 17.42 -15.36 20.22
C GLU B 522 18.48 -16.42 20.49
N ILE B 523 19.57 -16.34 19.71
CA ILE B 523 20.79 -17.08 20.00
C ILE B 523 21.55 -16.34 21.11
N SER B 524 22.04 -17.10 22.10
CA SER B 524 22.79 -16.51 23.19
C SER B 524 23.97 -15.70 22.64
N LYS B 525 24.27 -14.60 23.32
CA LYS B 525 25.36 -13.73 22.85
C LYS B 525 26.73 -14.39 23.01
N THR B 526 26.85 -15.40 23.87
CA THR B 526 28.13 -16.05 24.07
C THR B 526 28.53 -16.92 22.89
N ASN B 527 27.58 -17.26 22.02
CA ASN B 527 27.82 -18.20 20.94
C ASN B 527 28.22 -17.54 19.61
N ILE B 528 28.16 -16.22 19.50
CA ILE B 528 28.60 -15.55 18.26
C ILE B 528 29.25 -14.22 18.61
N SER B 529 30.35 -13.93 17.91
CA SER B 529 30.96 -12.61 17.91
C SER B 529 30.59 -11.95 16.59
N GLN B 530 29.58 -11.09 16.62
CA GLN B 530 29.05 -10.52 15.39
C GLN B 530 29.75 -9.23 14.99
N SER B 531 30.43 -8.58 15.91
CA SER B 531 31.03 -7.27 15.65
C SER B 531 32.43 -7.43 15.04
N THR B 532 32.48 -8.15 13.92
CA THR B 532 33.72 -8.43 13.25
C THR B 532 34.01 -7.36 12.21
N GLU B 533 35.26 -7.32 11.77
CA GLU B 533 35.63 -6.35 10.74
C GLU B 533 34.92 -6.65 9.44
N GLN B 534 34.81 -7.94 9.09
CA GLN B 534 34.24 -8.31 7.80
C GLN B 534 32.74 -8.06 7.74
N GLU B 535 32.03 -8.16 8.88
CA GLU B 535 30.59 -7.91 8.86
C GLU B 535 30.27 -6.44 8.94
N MET B 536 31.15 -5.62 9.54
CA MET B 536 30.97 -4.17 9.41
C MET B 536 31.31 -3.71 8.00
N ALA B 537 32.30 -4.34 7.36
CA ALA B 537 32.49 -4.12 5.93
C ALA B 537 31.22 -4.45 5.16
N SER B 538 30.64 -5.63 5.42
CA SER B 538 29.44 -6.06 4.71
C SER B 538 28.20 -5.25 5.08
N LEU B 539 28.27 -4.41 6.11
CA LEU B 539 27.12 -3.66 6.59
C LEU B 539 26.89 -2.37 5.81
N TRP B 540 27.47 -2.24 4.62
CA TRP B 540 27.21 -1.07 3.80
C TRP B 540 25.89 -1.25 3.07
N SER B 541 25.15 -0.17 2.93
CA SER B 541 23.86 -0.18 2.28
C SER B 541 23.91 0.75 1.06
N PHE B 542 23.26 0.33 -0.03
CA PHE B 542 23.08 1.17 -1.21
C PHE B 542 22.04 2.23 -0.85
N ASP B 543 22.52 3.33 -0.24
CA ASP B 543 21.66 4.27 0.46
C ASP B 543 21.26 5.48 -0.37
N ASP B 544 21.60 5.50 -1.66
CA ASP B 544 21.22 6.62 -2.52
C ASP B 544 22.19 7.80 -2.39
N ALA B 545 22.94 7.85 -1.29
CA ALA B 545 24.08 8.76 -1.23
C ALA B 545 25.32 8.11 -1.80
N ARG B 546 25.52 6.83 -1.47
CA ARG B 546 26.56 6.07 -2.14
C ARG B 546 26.27 5.92 -3.63
N ALA B 547 25.00 5.99 -4.02
CA ALA B 547 24.68 6.03 -5.45
C ALA B 547 25.21 7.32 -6.07
N LYS B 548 25.01 8.46 -5.40
CA LYS B 548 25.58 9.72 -5.87
C LYS B 548 27.10 9.61 -5.99
N ALA B 549 27.76 9.19 -4.91
CA ALA B 549 29.21 9.07 -4.92
C ALA B 549 29.70 8.17 -6.04
N GLN B 550 29.06 7.01 -6.19
CA GLN B 550 29.45 6.04 -7.19
C GLN B 550 29.27 6.60 -8.60
N PHE B 551 28.19 7.35 -8.83
CA PHE B 551 28.03 8.07 -10.10
C PHE B 551 29.19 9.03 -10.33
N GLU B 552 29.60 9.76 -9.28
CA GLU B 552 30.67 10.73 -9.48
C GLU B 552 31.99 10.05 -9.78
N GLU B 553 32.21 8.83 -9.26
CA GLU B 553 33.44 8.11 -9.57
C GLU B 553 33.33 7.25 -10.83
N TYR B 554 32.13 7.05 -11.37
CA TYR B 554 32.00 6.46 -12.70
C TYR B 554 32.28 7.50 -13.78
N LYS B 555 31.69 8.69 -13.64
CA LYS B 555 32.01 9.75 -14.57
C LYS B 555 33.43 10.25 -14.39
N ARG B 556 33.96 10.22 -13.17
CA ARG B 556 35.35 10.60 -12.95
C ARG B 556 36.31 9.54 -13.48
N ASN B 557 35.95 8.25 -13.34
CA ASN B 557 36.77 7.16 -13.83
C ASN B 557 36.60 6.87 -15.31
N TYR B 558 35.71 7.57 -16.02
CA TYR B 558 35.52 7.32 -17.44
C TYR B 558 36.03 8.45 -18.33
N PHE B 559 36.24 9.64 -17.79
CA PHE B 559 36.65 10.78 -18.61
C PHE B 559 37.83 11.53 -17.99
#